data_9WAW
#
_entry.id   9WAW
#
_cell.length_a   1.00
_cell.length_b   1.00
_cell.length_c   1.00
_cell.angle_alpha   90.00
_cell.angle_beta   90.00
_cell.angle_gamma   90.00
#
_symmetry.space_group_name_H-M   'P 1'
#
loop_
_entity.id
_entity.type
_entity.pdbx_description
1 polymer 'CRISPR-associated endonuclease Cas9/Csn1'
2 polymer 'DNA (50-MER)'
3 polymer 'DNA (50-MER)'
4 polymer 'RNA (102-MER)'
#
loop_
_entity_poly.entity_id
_entity_poly.type
_entity_poly.pdbx_seq_one_letter_code
_entity_poly.pdbx_strand_id
1 'polypeptide(L)'
;MDKKYSIGLDIGTNSVGWAVITDEYKVPSKKFKVLGNTDRHSIKKNLIGALLFDSGETAEATRLKRTARRRYTRRKNRIC
YLQEIFSNEMAKVDDSFFHRLEESFLVEEDKKHERHPIFGNIVDEVAYHEKYPTIYHLRKKLVDSTDKADLRLIYLALAH
MIKFRGHFLIEGDLNPDNSDVDKLFIQLVQTYNQLFEENPINASGVDAKAILSARLSKSRRLENLIAQLPGEKKNGLFGN
LIALSLGLTPNFKSNFDLAEDAKLQLSKDTYDDDLDNLLAQIGDQYADLFLAAKNLSDAILLSDILRVNTEITKAPLSAS
MIKRYDEHHQDLTLLKALVRQQLPEKYKEIFFDQSKNGYAGYIDGGASQEEFYKFIKPILEKMDGTEELLVKLNREDLLR
KQRTFDNGSIPHQIHLGELHAILRRQEDFYPFLKDNREKIEKILTFRIPYYVGPLARGNSRFAWMTRKSEETITPWNFEE
VVDKGASAQSFIERMTNFDKNLPNEKVLPKHSLLYEYFTVYNELTKVKYVTEGMRKPAFLSGEQKKAIVDLLFKTNRKVT
VKQLKEDYFKKIECFDSVEISGVEDRFNASLGTYHDLLKIIKDKDFLDNEENEDILEDIVLTLTLFEDREMIEERLKTYA
HLFDDKVMKQLKRRRYTGWGRLSRKLINGIRDKQSGKTILDFLKSDGFANRNFMQLIHDDSLTFKEDIQKAQVSGQGDSL
HEHIANLAGSPAIKKGILQTVKVVDELVKVMGRHKPENIVIEMARENQTTQKGQKNSRERMKRIEEGIKELGSQILKEHP
VENTQLQNEKLYLYYLQNGRDMYVDQELDINRLSDYDVDHIVPQSFLKDDSIDNKVLTRSDKNRGKSDNVPSEEVVKKMK
NYWRQLLNAKLITQRKFDNLTKAERGGLSELDKAGFIKRQLVETRQITKHVAQILDSRMNTKYDENDKLIREVKVITLKS
KLVSDFRKDFQFYKVREINNYHHAHDAYLNAVVGTALIKKYPKLESEFVDGDDKVDDDDKMIAKSEDEIGDATAKYFFYS
NIMNFFKTEITLANGEIRKRPLIETNGETGEIVWDKGRDFATVRKVLSMPQVNIVKKTEVQTGGFSKESILPKRNSDKLI
ARKKDWDPKKYGGFDSPTVAYSVLVVAKVEKGKSKKLKSVKELLGITIMERSSFEKNPIDFLEAKGYKEVKKDLIIKLPK
YSLFELENGRKRMLASAGELQKGNELALPSKYVNFLYLASHYEKLKGSPEDNEQKQLFVEQHKHYLDEIIEQISEFSKRV
ILADANLDKVLSAYNKHRDKPIREQAENIIHLFTLTNLGAPAAFKYFDTTIDRKRYTSTKEVLDATLIHQSITGLYETRI
DLSQLGGD
;
A
2 'polydeoxyribonucleotide'
;(DA)(DG)(DC)(DT)(DA)(DT)(DG)(DA)(DG)(DT)(DG)(DG)(DC)(DC)(DC)(DC)(DT)(DG)(DT)(DG)
(DG)(DA)(DG)(DA)(DG)(DA)(DA)(DG)(DC)(DC)(DT)(DG)(DT)(DC)(DC)(DT)(DG)(DG)(DA)(DA)
(DG)(DC)(DC)(DA)(DG)(DC)(DC)(DC)(DC)(DA)
;
B
3 'polydeoxyribonucleotide'
;(DT)(DG)(DG)(DG)(DG)(DC)(DT)(DG)(DG)(DC)(DT)(DT)(DC)(DC)(DA)(DG)(DG)(DA)(DC)(DA)
(DG)(DG)(DC)(DT)(DT)(DC)(DT)(DC)(DT)(DC)(DC)(DA)(DC)(DA)(DG)(DG)(DG)(DG)(DC)(DC)
(DA)(DC)(DT)(DC)(DA)(DT)(DA)(DG)(DC)(DT)
;
C
4 'polyribonucleotide'
;CAGGACAGGCUUCUCUCCACAGGUUUUAGAGCUAGAAAUAGCAAGUUAAAAUAAGGCUAGUCCGUUAUCAACUUGAAAAA
GUGGCACCGAGUCGGUGCUUUU
;
D
#
loop_
_chem_comp.id
_chem_comp.type
_chem_comp.name
_chem_comp.formula
A RNA linking ADENOSINE-5'-MONOPHOSPHATE 'C10 H14 N5 O7 P'
C RNA linking CYTIDINE-5'-MONOPHOSPHATE 'C9 H14 N3 O8 P'
DA DNA linking 2'-DEOXYADENOSINE-5'-MONOPHOSPHATE 'C10 H14 N5 O6 P'
DC DNA linking 2'-DEOXYCYTIDINE-5'-MONOPHOSPHATE 'C9 H14 N3 O7 P'
DG DNA linking 2'-DEOXYGUANOSINE-5'-MONOPHOSPHATE 'C10 H14 N5 O7 P'
DT DNA linking THYMIDINE-5'-MONOPHOSPHATE 'C10 H15 N2 O8 P'
G RNA linking GUANOSINE-5'-MONOPHOSPHATE 'C10 H14 N5 O8 P'
U RNA linking URIDINE-5'-MONOPHOSPHATE 'C9 H13 N2 O9 P'
#
# COMPACT_ATOMS: atom_id res chain seq x y z
N MET A 1 35.90 10.83 33.83
CA MET A 1 36.37 10.18 32.61
C MET A 1 35.20 9.69 31.77
N ASP A 2 35.11 10.20 30.54
CA ASP A 2 34.06 9.78 29.62
C ASP A 2 34.36 8.37 29.13
N LYS A 3 33.55 7.40 29.56
CA LYS A 3 33.74 6.01 29.16
C LYS A 3 33.38 5.83 27.70
N LYS A 4 34.38 5.54 26.87
CA LYS A 4 34.15 5.34 25.45
C LYS A 4 33.33 4.07 25.24
N TYR A 5 32.48 4.09 24.20
CA TYR A 5 31.59 2.97 23.93
C TYR A 5 31.17 3.00 22.47
N SER A 6 30.43 1.97 22.07
CA SER A 6 29.90 1.86 20.73
C SER A 6 28.51 1.23 20.79
N ILE A 7 27.71 1.51 19.77
CA ILE A 7 26.32 1.05 19.70
C ILE A 7 26.14 0.25 18.42
N GLY A 8 25.47 -0.90 18.53
CA GLY A 8 25.11 -1.71 17.38
C GLY A 8 23.61 -1.73 17.18
N LEU A 9 23.19 -1.94 15.93
CA LEU A 9 21.78 -1.89 15.57
C LEU A 9 21.44 -3.01 14.61
N ASP A 10 20.19 -3.48 14.70
CA ASP A 10 19.64 -4.47 13.79
C ASP A 10 18.28 -3.96 13.30
N ILE A 11 18.05 -4.04 12.00
CA ILE A 11 16.84 -3.52 11.39
C ILE A 11 16.08 -4.67 10.74
N GLY A 12 14.80 -4.80 11.08
CA GLY A 12 13.95 -5.82 10.52
C GLY A 12 12.58 -5.30 10.13
N THR A 13 11.82 -6.17 9.49
CA THR A 13 10.45 -5.84 9.09
C THR A 13 9.51 -5.76 10.27
N ASN A 14 9.89 -6.31 11.43
CA ASN A 14 9.04 -6.32 12.60
C ASN A 14 9.76 -5.95 13.89
N SER A 15 11.09 -5.94 13.90
CA SER A 15 11.81 -5.75 15.15
C SER A 15 13.10 -4.98 14.89
N VAL A 16 13.56 -4.28 15.92
CA VAL A 16 14.81 -3.53 15.89
C VAL A 16 15.56 -3.83 17.17
N GLY A 17 16.81 -4.27 17.04
CA GLY A 17 17.62 -4.57 18.21
C GLY A 17 18.57 -3.44 18.55
N TRP A 18 18.72 -3.18 19.85
CA TRP A 18 19.63 -2.13 20.31
C TRP A 18 20.57 -2.70 21.37
N ALA A 19 21.84 -2.33 21.26
CA ALA A 19 22.86 -2.83 22.16
C ALA A 19 23.97 -1.80 22.30
N VAL A 20 24.50 -1.69 23.52
CA VAL A 20 25.58 -0.75 23.83
C VAL A 20 26.76 -1.56 24.37
N ILE A 21 27.92 -1.41 23.73
CA ILE A 21 29.10 -2.17 24.10
C ILE A 21 30.28 -1.22 24.23
N THR A 22 31.28 -1.66 25.00
CA THR A 22 32.53 -0.94 25.14
C THR A 22 33.63 -1.64 24.34
N ASP A 23 34.86 -1.15 24.51
CA ASP A 23 36.01 -1.81 23.89
C ASP A 23 36.21 -3.22 24.39
N GLU A 24 35.75 -3.52 25.60
CA GLU A 24 35.88 -4.85 26.20
C GLU A 24 34.77 -5.79 25.78
N TYR A 25 33.86 -5.33 24.91
CA TYR A 25 32.71 -6.11 24.42
C TYR A 25 31.76 -6.51 25.54
N LYS A 26 31.97 -5.99 26.75
CA LYS A 26 31.05 -6.23 27.84
C LYS A 26 29.79 -5.38 27.65
N VAL A 27 28.72 -5.78 28.33
CA VAL A 27 27.49 -4.99 28.36
C VAL A 27 27.41 -4.32 29.74
N PRO A 28 27.56 -3.00 29.82
CA PRO A 28 27.56 -2.34 31.13
C PRO A 28 26.18 -2.39 31.76
N SER A 29 26.18 -2.30 33.09
CA SER A 29 24.95 -2.34 33.88
C SER A 29 24.81 -1.03 34.64
N LYS A 30 23.64 -0.40 34.50
CA LYS A 30 23.35 0.84 35.20
C LYS A 30 21.97 0.76 35.83
N LYS A 31 21.76 1.61 36.83
CA LYS A 31 20.56 1.58 37.66
C LYS A 31 19.70 2.79 37.33
N PHE A 32 18.39 2.56 37.17
CA PHE A 32 17.50 3.59 36.68
C PHE A 32 16.42 3.93 37.71
N LYS A 33 16.15 5.23 37.85
CA LYS A 33 15.12 5.70 38.77
C LYS A 33 13.75 5.27 38.27
N VAL A 34 12.85 4.99 39.20
CA VAL A 34 11.50 4.53 38.90
C VAL A 34 10.51 5.59 39.38
N LEU A 35 9.67 6.07 38.48
CA LEU A 35 8.69 7.08 38.82
C LEU A 35 7.32 6.44 39.06
N GLY A 36 6.55 7.07 39.94
CA GLY A 36 5.25 6.58 40.30
C GLY A 36 5.06 6.49 41.81
N ASN A 37 4.09 5.67 42.20
CA ASN A 37 3.69 5.53 43.59
C ASN A 37 4.10 4.19 44.20
N THR A 38 5.10 3.52 43.64
CA THR A 38 5.53 2.23 44.15
C THR A 38 6.78 2.38 45.01
N ASP A 39 6.95 1.42 45.94
CA ASP A 39 8.11 1.40 46.81
C ASP A 39 9.40 1.07 46.06
N ARG A 40 9.31 0.38 44.93
CA ARG A 40 10.48 0.08 44.10
C ARG A 40 10.93 1.38 43.45
N HIS A 41 12.03 1.93 43.95
CA HIS A 41 12.48 3.25 43.50
C HIS A 41 13.61 3.18 42.48
N SER A 42 14.27 2.04 42.34
CA SER A 42 15.41 1.94 41.46
C SER A 42 15.62 0.49 41.04
N ILE A 43 15.89 0.29 39.75
CA ILE A 43 16.07 -1.02 39.16
C ILE A 43 17.33 -1.04 38.31
N LYS A 44 18.15 -2.06 38.49
CA LYS A 44 19.35 -2.27 37.71
C LYS A 44 19.02 -3.08 36.47
N LYS A 45 19.56 -2.68 35.33
CA LYS A 45 19.28 -3.33 34.05
C LYS A 45 20.54 -3.42 33.21
N ASN A 46 20.51 -4.31 32.23
CA ASN A 46 21.59 -4.41 31.25
C ASN A 46 21.26 -3.57 30.02
N LEU A 47 22.27 -2.89 29.48
CA LEU A 47 22.09 -2.02 28.32
C LEU A 47 22.00 -2.84 27.03
N ILE A 48 20.90 -3.59 26.92
CA ILE A 48 20.61 -4.39 25.75
C ILE A 48 19.10 -4.59 25.66
N GLY A 49 18.59 -4.61 24.43
CA GLY A 49 17.17 -4.87 24.25
C GLY A 49 16.79 -4.77 22.79
N ALA A 50 15.52 -5.10 22.52
CA ALA A 50 14.99 -5.08 21.16
C ALA A 50 13.51 -4.73 21.21
N LEU A 51 13.06 -3.97 20.21
CA LEU A 51 11.69 -3.50 20.15
C LEU A 51 10.88 -4.37 19.18
N LEU A 52 9.70 -4.78 19.62
CA LEU A 52 8.76 -5.51 18.77
C LEU A 52 7.57 -4.62 18.45
N PHE A 53 7.09 -4.72 17.22
CA PHE A 53 6.03 -3.84 16.74
C PHE A 53 5.33 -4.48 15.54
N ASP A 54 4.12 -4.02 15.29
CA ASP A 54 3.35 -4.54 14.16
C ASP A 54 3.99 -4.15 12.84
N SER A 55 3.86 -5.03 11.85
CA SER A 55 4.35 -4.72 10.52
C SER A 55 3.60 -3.52 9.95
N GLY A 56 4.35 -2.60 9.35
CA GLY A 56 3.73 -1.47 8.69
C GLY A 56 3.01 -1.89 7.44
N GLU A 57 1.94 -1.19 7.10
CA GLU A 57 1.13 -1.52 5.94
C GLU A 57 1.20 -0.39 4.91
N THR A 58 1.00 -0.77 3.65
CA THR A 58 0.92 0.21 2.58
C THR A 58 -0.48 0.81 2.51
N ALA A 59 -0.63 1.81 1.64
CA ALA A 59 -1.92 2.46 1.44
C ALA A 59 -2.76 1.80 0.36
N GLU A 60 -2.30 0.66 -0.18
CA GLU A 60 -2.96 0.07 -1.33
C GLU A 60 -4.42 -0.24 -1.05
N ALA A 61 -4.70 -0.85 0.11
CA ALA A 61 -6.09 -1.08 0.48
C ALA A 61 -6.84 0.23 0.65
N THR A 62 -6.21 1.22 1.29
CA THR A 62 -6.84 2.52 1.44
C THR A 62 -7.11 3.15 0.09
N ARG A 63 -6.16 3.03 -0.84
CA ARG A 63 -6.36 3.57 -2.18
C ARG A 63 -7.55 2.90 -2.86
N LEU A 64 -7.64 1.58 -2.75
CA LEU A 64 -8.75 0.86 -3.37
C LEU A 64 -10.09 1.32 -2.77
N LYS A 65 -10.13 1.48 -1.45
CA LYS A 65 -11.37 1.87 -0.81
C LYS A 65 -11.76 3.30 -1.17
N ARG A 66 -10.78 4.19 -1.29
CA ARG A 66 -11.08 5.56 -1.73
C ARG A 66 -11.64 5.55 -3.15
N THR A 67 -11.04 4.75 -4.03
CA THR A 67 -11.56 4.64 -5.39
C THR A 67 -13.00 4.13 -5.37
N ALA A 68 -13.27 3.12 -4.55
CA ALA A 68 -14.61 2.57 -4.46
C ALA A 68 -15.61 3.61 -3.95
N ARG A 69 -15.20 4.39 -2.95
CA ARG A 69 -16.08 5.41 -2.40
C ARG A 69 -16.43 6.45 -3.45
N ARG A 70 -15.43 6.89 -4.21
CA ARG A 70 -15.70 7.86 -5.27
C ARG A 70 -16.63 7.27 -6.33
N ARG A 71 -16.40 6.00 -6.68
CA ARG A 71 -17.26 5.37 -7.68
C ARG A 71 -18.70 5.27 -7.21
N TYR A 72 -18.91 4.88 -5.94
CA TYR A 72 -20.25 4.85 -5.40
C TYR A 72 -20.89 6.24 -5.39
N THR A 73 -20.11 7.25 -5.01
CA THR A 73 -20.65 8.60 -4.96
C THR A 73 -21.08 9.07 -6.33
N ARG A 74 -20.28 8.78 -7.36
CA ARG A 74 -20.63 9.22 -8.70
C ARG A 74 -21.80 8.44 -9.26
N ARG A 75 -21.91 7.16 -8.91
CA ARG A 75 -23.09 6.41 -9.31
C ARG A 75 -24.35 6.99 -8.69
N LYS A 76 -24.26 7.35 -7.40
CA LYS A 76 -25.38 8.05 -6.76
C LYS A 76 -25.68 9.37 -7.46
N ASN A 77 -24.64 10.09 -7.87
CA ASN A 77 -24.85 11.36 -8.56
C ASN A 77 -25.56 11.16 -9.89
N ARG A 78 -25.19 10.12 -10.63
CA ARG A 78 -25.87 9.85 -11.89
C ARG A 78 -27.33 9.51 -11.67
N ILE A 79 -27.61 8.69 -10.65
CA ILE A 79 -29.00 8.41 -10.31
C ILE A 79 -29.74 9.70 -9.99
N CYS A 80 -29.10 10.59 -9.23
CA CYS A 80 -29.73 11.85 -8.87
C CYS A 80 -30.00 12.71 -10.10
N TYR A 81 -29.04 12.74 -11.04
CA TYR A 81 -29.24 13.53 -12.26
C TYR A 81 -30.44 13.01 -13.04
N LEU A 82 -30.55 11.69 -13.18
CA LEU A 82 -31.72 11.14 -13.88
C LEU A 82 -33.00 11.48 -13.14
N GLN A 83 -32.96 11.42 -11.80
CA GLN A 83 -34.14 11.76 -11.01
C GLN A 83 -34.54 13.22 -11.22
N GLU A 84 -33.57 14.13 -11.27
CA GLU A 84 -33.89 15.53 -11.54
C GLU A 84 -34.49 15.68 -12.93
N ILE A 85 -33.96 14.96 -13.91
CA ILE A 85 -34.49 15.05 -15.26
C ILE A 85 -35.95 14.61 -15.29
N PHE A 86 -36.26 13.52 -14.60
CA PHE A 86 -37.61 12.97 -14.68
C PHE A 86 -38.57 13.53 -13.63
N SER A 87 -38.09 14.35 -12.70
CA SER A 87 -38.88 14.72 -11.53
C SER A 87 -40.13 15.52 -11.89
N ASN A 88 -40.00 16.48 -12.80
CA ASN A 88 -41.14 17.33 -13.13
C ASN A 88 -42.26 16.52 -13.75
N GLU A 89 -41.92 15.58 -14.64
CA GLU A 89 -42.94 14.72 -15.23
C GLU A 89 -43.47 13.71 -14.22
N MET A 90 -42.62 13.23 -13.32
CA MET A 90 -43.07 12.26 -12.32
C MET A 90 -44.07 12.89 -11.36
N ALA A 91 -43.86 14.15 -10.99
CA ALA A 91 -44.79 14.83 -10.10
C ALA A 91 -46.19 14.90 -10.71
N LYS A 92 -46.28 14.90 -12.04
CA LYS A 92 -47.57 14.93 -12.72
C LYS A 92 -48.27 13.59 -12.73
N VAL A 93 -47.55 12.50 -12.47
CA VAL A 93 -48.11 11.16 -12.52
C VAL A 93 -48.19 10.53 -11.12
N ASP A 94 -47.09 10.56 -10.37
CA ASP A 94 -47.08 9.96 -9.04
C ASP A 94 -46.06 10.74 -8.20
N ASP A 95 -46.56 11.44 -7.19
CA ASP A 95 -45.70 12.30 -6.37
C ASP A 95 -44.78 11.49 -5.47
N SER A 96 -45.31 10.47 -4.80
CA SER A 96 -44.54 9.72 -3.81
C SER A 96 -43.72 8.59 -4.41
N PHE A 97 -43.59 8.54 -5.74
CA PHE A 97 -42.86 7.44 -6.37
C PHE A 97 -41.41 7.41 -5.92
N PHE A 98 -40.73 8.56 -6.01
CA PHE A 98 -39.34 8.60 -5.58
C PHE A 98 -39.22 8.42 -4.07
N HIS A 99 -40.18 8.91 -3.30
CA HIS A 99 -40.18 8.68 -1.86
C HIS A 99 -40.19 7.18 -1.56
N ARG A 100 -41.07 6.44 -2.23
CA ARG A 100 -41.09 4.99 -2.06
C ARG A 100 -39.78 4.37 -2.51
N LEU A 101 -39.20 4.88 -3.61
CA LEU A 101 -37.93 4.33 -4.08
C LEU A 101 -36.84 4.52 -3.04
N GLU A 102 -36.91 5.60 -2.26
CA GLU A 102 -35.84 5.87 -1.30
C GLU A 102 -35.94 4.96 -0.07
N GLU A 103 -37.05 5.03 0.65
CA GLU A 103 -37.15 4.38 1.95
C GLU A 103 -37.59 2.92 1.86
N SER A 104 -37.49 2.30 0.69
CA SER A 104 -37.91 0.91 0.54
C SER A 104 -37.12 -0.03 1.43
N PHE A 105 -35.94 0.40 1.89
CA PHE A 105 -35.10 -0.47 2.69
C PHE A 105 -35.62 -0.61 4.12
N LEU A 106 -36.50 0.29 4.54
CA LEU A 106 -37.02 0.25 5.90
C LEU A 106 -38.13 -0.76 6.04
N VAL A 107 -38.43 -1.14 7.29
CA VAL A 107 -39.55 -2.04 7.54
C VAL A 107 -40.86 -1.33 7.26
N GLU A 108 -41.94 -2.13 7.22
CA GLU A 108 -43.25 -1.59 6.91
C GLU A 108 -43.69 -0.57 7.96
N GLU A 109 -43.25 -0.74 9.20
CA GLU A 109 -43.56 0.24 10.23
C GLU A 109 -42.87 1.57 9.96
N ASP A 110 -41.64 1.54 9.46
CA ASP A 110 -40.85 2.75 9.26
C ASP A 110 -41.12 3.43 7.92
N LYS A 111 -41.93 2.84 7.06
CA LYS A 111 -42.27 3.47 5.79
C LYS A 111 -43.33 4.55 5.99
N LYS A 112 -43.11 5.70 5.37
CA LYS A 112 -44.05 6.80 5.46
C LYS A 112 -45.11 6.77 4.36
N HIS A 113 -45.00 5.84 3.42
CA HIS A 113 -45.94 5.70 2.32
C HIS A 113 -46.38 4.24 2.19
N GLU A 114 -47.09 3.96 1.10
CA GLU A 114 -47.54 2.59 0.85
C GLU A 114 -46.34 1.69 0.63
N ARG A 115 -46.47 0.43 1.08
CA ARG A 115 -45.32 -0.48 1.13
C ARG A 115 -44.82 -0.91 -0.24
N HIS A 116 -45.71 -1.03 -1.24
CA HIS A 116 -45.26 -1.46 -2.56
C HIS A 116 -44.53 -0.33 -3.26
N PRO A 117 -43.27 -0.52 -3.64
CA PRO A 117 -42.48 0.61 -4.16
C PRO A 117 -42.90 1.06 -5.55
N ILE A 118 -43.08 0.14 -6.50
CA ILE A 118 -43.20 0.53 -7.89
C ILE A 118 -44.56 1.16 -8.17
N PHE A 119 -45.63 0.57 -7.64
CA PHE A 119 -46.97 1.06 -7.93
C PHE A 119 -47.77 1.48 -6.71
N GLY A 120 -47.40 1.04 -5.51
CA GLY A 120 -48.16 1.38 -4.34
C GLY A 120 -49.45 0.59 -4.15
N ASN A 121 -49.59 -0.53 -4.83
CA ASN A 121 -50.74 -1.41 -4.63
C ASN A 121 -50.34 -2.82 -5.02
N ILE A 122 -50.94 -3.80 -4.33
CA ILE A 122 -50.53 -5.18 -4.51
C ILE A 122 -50.93 -5.71 -5.89
N VAL A 123 -52.08 -5.30 -6.41
CA VAL A 123 -52.57 -5.85 -7.67
C VAL A 123 -51.61 -5.49 -8.81
N ASP A 124 -51.22 -4.22 -8.90
CA ASP A 124 -50.33 -3.79 -9.96
C ASP A 124 -48.94 -4.38 -9.78
N GLU A 125 -48.49 -4.57 -8.54
CA GLU A 125 -47.22 -5.25 -8.32
C GLU A 125 -47.25 -6.68 -8.84
N VAL A 126 -48.34 -7.39 -8.57
CA VAL A 126 -48.48 -8.75 -9.07
C VAL A 126 -48.50 -8.76 -10.59
N ALA A 127 -49.22 -7.81 -11.18
CA ALA A 127 -49.26 -7.73 -12.64
C ALA A 127 -47.88 -7.47 -13.22
N TYR A 128 -47.12 -6.56 -12.62
CA TYR A 128 -45.77 -6.26 -13.09
C TYR A 128 -44.88 -7.49 -12.99
N HIS A 129 -44.92 -8.18 -11.85
CA HIS A 129 -44.02 -9.32 -11.68
C HIS A 129 -44.42 -10.48 -12.58
N GLU A 130 -45.72 -10.66 -12.84
CA GLU A 130 -46.14 -11.74 -13.73
C GLU A 130 -45.79 -11.45 -15.18
N LYS A 131 -46.07 -10.23 -15.65
CA LYS A 131 -45.81 -9.91 -17.05
C LYS A 131 -44.31 -9.83 -17.34
N TYR A 132 -43.53 -9.39 -16.36
CA TYR A 132 -42.08 -9.24 -16.51
C TYR A 132 -41.41 -9.99 -15.36
N PRO A 133 -41.10 -11.27 -15.55
CA PRO A 133 -40.43 -12.04 -14.48
C PRO A 133 -39.09 -11.46 -14.08
N THR A 134 -38.34 -10.88 -15.02
CA THR A 134 -37.04 -10.29 -14.74
C THR A 134 -36.94 -8.95 -15.46
N ILE A 135 -35.92 -8.18 -15.09
CA ILE A 135 -35.72 -6.84 -15.66
C ILE A 135 -35.43 -6.93 -17.15
N TYR A 136 -34.75 -7.99 -17.60
CA TYR A 136 -34.43 -8.09 -19.02
C TYR A 136 -35.67 -8.24 -19.88
N HIS A 137 -36.72 -8.89 -19.36
CA HIS A 137 -37.98 -8.93 -20.08
C HIS A 137 -38.54 -7.53 -20.27
N LEU A 138 -38.47 -6.70 -19.23
CA LEU A 138 -38.91 -5.32 -19.36
C LEU A 138 -38.07 -4.57 -20.38
N ARG A 139 -36.76 -4.80 -20.38
CA ARG A 139 -35.88 -4.11 -21.32
C ARG A 139 -36.21 -4.49 -22.75
N LYS A 140 -36.40 -5.78 -23.02
CA LYS A 140 -36.77 -6.21 -24.36
C LYS A 140 -38.13 -5.67 -24.76
N LYS A 141 -39.08 -5.66 -23.82
CA LYS A 141 -40.40 -5.10 -24.08
C LYS A 141 -40.29 -3.64 -24.50
N LEU A 142 -39.50 -2.86 -23.78
CA LEU A 142 -39.34 -1.45 -24.14
C LEU A 142 -38.62 -1.28 -25.47
N VAL A 143 -37.63 -2.13 -25.75
CA VAL A 143 -36.90 -2.02 -27.02
C VAL A 143 -37.82 -2.29 -28.20
N ASP A 144 -38.68 -3.31 -28.10
CA ASP A 144 -39.44 -3.73 -29.27
C ASP A 144 -40.82 -3.08 -29.36
N SER A 145 -41.54 -2.94 -28.25
CA SER A 145 -42.91 -2.44 -28.32
C SER A 145 -42.94 -0.97 -28.71
N THR A 146 -43.90 -0.62 -29.55
CA THR A 146 -44.13 0.76 -29.98
C THR A 146 -45.22 1.45 -29.17
N ASP A 147 -45.88 0.74 -28.27
CA ASP A 147 -46.96 1.32 -27.49
C ASP A 147 -46.42 2.29 -26.44
N LYS A 148 -47.24 3.27 -26.08
CA LYS A 148 -46.86 4.23 -25.06
C LYS A 148 -46.73 3.51 -23.71
N ALA A 149 -45.49 3.34 -23.26
CA ALA A 149 -45.22 2.60 -22.04
C ALA A 149 -45.46 3.46 -20.81
N ASP A 150 -45.59 2.79 -19.67
CA ASP A 150 -45.70 3.50 -18.41
C ASP A 150 -44.38 4.18 -18.09
N LEU A 151 -44.47 5.44 -17.62
CA LEU A 151 -43.27 6.23 -17.39
C LEU A 151 -42.39 5.62 -16.30
N ARG A 152 -42.99 5.10 -15.23
CA ARG A 152 -42.19 4.55 -14.14
C ARG A 152 -41.37 3.36 -14.61
N LEU A 153 -41.95 2.51 -15.47
CA LEU A 153 -41.18 1.38 -16.00
C LEU A 153 -40.01 1.87 -16.84
N ILE A 154 -40.22 2.91 -17.64
CA ILE A 154 -39.13 3.49 -18.42
C ILE A 154 -38.03 4.00 -17.51
N TYR A 155 -38.41 4.69 -16.44
CA TYR A 155 -37.44 5.17 -15.47
C TYR A 155 -36.66 4.02 -14.86
N LEU A 156 -37.37 2.94 -14.51
CA LEU A 156 -36.69 1.79 -13.92
C LEU A 156 -35.67 1.21 -14.88
N ALA A 157 -36.04 1.05 -16.14
CA ALA A 157 -35.11 0.48 -17.12
C ALA A 157 -33.91 1.39 -17.32
N LEU A 158 -34.14 2.69 -17.44
CA LEU A 158 -33.04 3.62 -17.64
C LEU A 158 -32.10 3.59 -16.44
N ALA A 159 -32.66 3.58 -15.23
CA ALA A 159 -31.83 3.51 -14.03
C ALA A 159 -31.03 2.22 -14.00
N HIS A 160 -31.66 1.11 -14.37
CA HIS A 160 -30.95 -0.17 -14.38
C HIS A 160 -29.76 -0.13 -15.34
N MET A 161 -29.96 0.43 -16.53
CA MET A 161 -28.86 0.52 -17.47
C MET A 161 -27.77 1.46 -16.98
N ILE A 162 -28.15 2.60 -16.42
CA ILE A 162 -27.17 3.57 -15.94
C ILE A 162 -26.33 2.97 -14.83
N LYS A 163 -26.98 2.30 -13.88
CA LYS A 163 -26.27 1.82 -12.69
C LYS A 163 -25.42 0.61 -13.02
N PHE A 164 -25.60 0.03 -14.20
CA PHE A 164 -24.81 -1.11 -14.63
C PHE A 164 -24.31 -0.87 -16.06
N ARG A 165 -23.79 0.32 -16.28
CA ARG A 165 -23.43 0.86 -17.59
C ARG A 165 -22.28 0.13 -18.28
N GLY A 166 -21.76 -0.97 -17.73
CA GLY A 166 -20.76 -1.76 -18.41
C GLY A 166 -19.39 -1.11 -18.44
N HIS A 167 -18.48 -1.75 -19.18
CA HIS A 167 -17.08 -1.37 -19.19
C HIS A 167 -16.73 -0.56 -20.44
N PHE A 168 -15.56 0.07 -20.40
CA PHE A 168 -15.07 0.92 -21.48
C PHE A 168 -13.73 0.43 -22.02
N LEU A 169 -13.58 -0.88 -22.22
CA LEU A 169 -12.30 -1.45 -22.62
C LEU A 169 -11.95 -1.19 -24.07
N ILE A 170 -12.92 -0.82 -24.91
CA ILE A 170 -12.70 -0.57 -26.33
C ILE A 170 -13.28 0.79 -26.67
N GLU A 171 -12.47 1.64 -27.31
CA GLU A 171 -12.89 2.97 -27.71
C GLU A 171 -13.59 2.91 -29.06
N GLY A 172 -14.27 4.00 -29.39
CA GLY A 172 -15.00 4.08 -30.64
C GLY A 172 -16.36 3.38 -30.56
N ASP A 173 -17.04 3.37 -31.70
CA ASP A 173 -18.35 2.74 -31.80
C ASP A 173 -18.22 1.31 -32.29
N LEU A 174 -18.83 0.39 -31.55
CA LEU A 174 -18.74 -1.03 -31.85
C LEU A 174 -19.98 -1.46 -32.64
N ASN A 175 -19.81 -2.42 -33.52
CA ASN A 175 -20.92 -2.93 -34.33
C ASN A 175 -21.51 -4.17 -33.68
N PRO A 176 -22.72 -4.09 -33.12
CA PRO A 176 -23.33 -5.30 -32.53
C PRO A 176 -23.78 -6.32 -33.55
N ASP A 177 -23.93 -5.93 -34.82
CA ASP A 177 -24.32 -6.88 -35.85
C ASP A 177 -23.18 -7.82 -36.23
N ASN A 178 -21.97 -7.56 -35.76
CA ASN A 178 -20.82 -8.40 -36.06
C ASN A 178 -20.97 -9.80 -35.49
N ALA A 292 -10.80 -7.00 -40.33
CA ALA A 292 -11.09 -8.43 -40.24
C ALA A 292 -10.90 -8.93 -38.81
N ALA A 293 -9.69 -8.77 -38.28
CA ALA A 293 -9.42 -9.21 -36.91
C ALA A 293 -10.26 -8.45 -35.90
N LYS A 294 -10.42 -7.13 -36.11
CA LYS A 294 -11.28 -6.35 -35.23
C LYS A 294 -12.73 -6.82 -35.34
N ASN A 295 -13.18 -7.11 -36.57
CA ASN A 295 -14.49 -7.72 -36.73
C ASN A 295 -14.51 -9.13 -36.15
N LEU A 296 -13.42 -9.87 -36.31
CA LEU A 296 -13.30 -11.18 -35.68
C LEU A 296 -13.33 -11.05 -34.16
N SER A 297 -12.65 -10.05 -33.62
CA SER A 297 -12.68 -9.81 -32.18
C SER A 297 -14.09 -9.47 -31.72
N ASP A 298 -14.81 -8.68 -32.52
CA ASP A 298 -16.21 -8.39 -32.20
C ASP A 298 -17.05 -9.65 -32.21
N ALA A 299 -16.89 -10.48 -33.24
CA ALA A 299 -17.68 -11.71 -33.33
C ALA A 299 -17.39 -12.65 -32.17
N ILE A 300 -16.11 -12.80 -31.82
CA ILE A 300 -15.74 -13.66 -30.70
C ILE A 300 -16.32 -13.12 -29.39
N LEU A 301 -16.18 -11.80 -29.18
CA LEU A 301 -16.62 -11.21 -27.92
C LEU A 301 -18.14 -11.19 -27.81
N LEU A 302 -18.83 -10.85 -28.90
CA LEU A 302 -20.28 -10.75 -28.85
C LEU A 302 -20.93 -12.12 -28.61
N SER A 303 -20.49 -13.14 -29.35
CA SER A 303 -21.11 -14.46 -29.22
C SER A 303 -20.93 -15.02 -27.83
N ASP A 304 -19.83 -14.66 -27.16
CA ASP A 304 -19.64 -15.09 -25.77
C ASP A 304 -20.70 -14.50 -24.86
N ILE A 305 -21.32 -13.40 -25.26
CA ILE A 305 -22.37 -12.75 -24.47
C ILE A 305 -23.71 -12.82 -25.18
N LEU A 306 -23.71 -12.70 -26.51
CA LEU A 306 -24.91 -12.68 -27.32
C LEU A 306 -25.23 -14.05 -27.94
N ARG A 307 -25.04 -15.12 -27.18
CA ARG A 307 -25.14 -16.50 -27.64
C ARG A 307 -26.32 -16.75 -28.58
N VAL A 308 -26.01 -17.21 -29.80
CA VAL A 308 -26.97 -17.64 -30.81
C VAL A 308 -28.22 -16.77 -30.77
N ASN A 309 -28.06 -15.48 -31.06
CA ASN A 309 -29.17 -14.54 -31.00
C ASN A 309 -29.75 -14.39 -32.40
N THR A 310 -30.55 -15.39 -32.82
CA THR A 310 -31.02 -15.45 -34.19
C THR A 310 -32.18 -14.51 -34.48
N GLU A 311 -32.97 -14.15 -33.47
CA GLU A 311 -34.08 -13.23 -33.68
C GLU A 311 -33.55 -11.85 -34.05
N ILE A 312 -34.20 -11.23 -35.02
CA ILE A 312 -33.78 -9.91 -35.50
C ILE A 312 -34.23 -8.88 -34.47
N THR A 313 -33.29 -8.45 -33.62
CA THR A 313 -33.56 -7.44 -32.61
C THR A 313 -32.36 -6.52 -32.48
N LYS A 314 -32.62 -5.30 -32.02
CA LYS A 314 -31.56 -4.33 -31.78
C LYS A 314 -30.99 -4.42 -30.37
N ALA A 315 -31.54 -5.27 -29.51
CA ALA A 315 -31.08 -5.45 -28.14
C ALA A 315 -30.84 -6.93 -27.87
N PRO A 316 -29.79 -7.49 -28.47
CA PRO A 316 -29.58 -8.95 -28.35
C PRO A 316 -29.33 -9.43 -26.94
N LEU A 317 -28.83 -8.56 -26.06
CA LEU A 317 -28.49 -8.97 -24.71
C LEU A 317 -29.73 -9.42 -23.95
N SER A 318 -30.83 -8.68 -24.09
CA SER A 318 -32.07 -9.07 -23.43
C SER A 318 -32.58 -10.41 -23.94
N ALA A 319 -32.50 -10.63 -25.25
CA ALA A 319 -32.95 -11.91 -25.80
C ALA A 319 -32.09 -13.05 -25.27
N SER A 320 -30.77 -12.85 -25.20
CA SER A 320 -29.90 -13.89 -24.67
C SER A 320 -30.24 -14.19 -23.21
N MET A 321 -30.46 -13.16 -22.40
CA MET A 321 -30.79 -13.38 -21.00
C MET A 321 -32.12 -14.11 -20.85
N ILE A 322 -33.12 -13.74 -21.66
CA ILE A 322 -34.41 -14.39 -21.57
C ILE A 322 -34.31 -15.85 -22.01
N LYS A 323 -33.49 -16.11 -23.04
CA LYS A 323 -33.24 -17.49 -23.44
C LYS A 323 -32.62 -18.29 -22.30
N ARG A 324 -31.65 -17.69 -21.61
CA ARG A 324 -31.03 -18.37 -20.47
C ARG A 324 -32.05 -18.65 -19.38
N TYR A 325 -32.92 -17.68 -19.09
CA TYR A 325 -33.94 -17.87 -18.06
C TYR A 325 -34.90 -19.00 -18.43
N ASP A 326 -35.35 -19.04 -19.69
CA ASP A 326 -36.27 -20.09 -20.11
C ASP A 326 -35.59 -21.45 -20.08
N GLU A 327 -34.32 -21.52 -20.49
CA GLU A 327 -33.58 -22.77 -20.40
C GLU A 327 -33.45 -23.21 -18.95
N HIS A 328 -33.19 -22.27 -18.04
CA HIS A 328 -33.15 -22.59 -16.62
C HIS A 328 -34.47 -23.16 -16.14
N HIS A 329 -35.59 -22.52 -16.53
CA HIS A 329 -36.90 -23.02 -16.13
C HIS A 329 -37.13 -24.45 -16.60
N GLN A 330 -36.87 -24.70 -17.89
CA GLN A 330 -37.12 -26.04 -18.44
C GLN A 330 -36.21 -27.08 -17.80
N ASP A 331 -34.94 -26.74 -17.61
CA ASP A 331 -34.01 -27.67 -17.00
C ASP A 331 -34.39 -27.98 -15.57
N LEU A 332 -34.80 -26.97 -14.80
CA LEU A 332 -35.22 -27.22 -13.43
C LEU A 332 -36.45 -28.11 -13.38
N THR A 333 -37.41 -27.86 -14.28
CA THR A 333 -38.60 -28.71 -14.32
C THR A 333 -38.22 -30.16 -14.63
N LEU A 334 -37.34 -30.36 -15.61
CA LEU A 334 -36.92 -31.71 -15.96
C LEU A 334 -36.21 -32.39 -14.80
N LEU A 335 -35.32 -31.66 -14.13
CA LEU A 335 -34.60 -32.25 -13.01
C LEU A 335 -35.53 -32.61 -11.87
N LYS A 336 -36.49 -31.73 -11.56
CA LYS A 336 -37.47 -32.05 -10.53
C LYS A 336 -38.25 -33.30 -10.89
N ALA A 337 -38.72 -33.40 -12.14
CA ALA A 337 -39.49 -34.55 -12.55
C ALA A 337 -38.68 -35.83 -12.41
N LEU A 338 -37.43 -35.81 -12.90
CA LEU A 338 -36.61 -37.01 -12.87
C LEU A 338 -36.29 -37.44 -11.44
N VAL A 339 -35.92 -36.48 -10.58
CA VAL A 339 -35.59 -36.81 -9.20
C VAL A 339 -36.82 -37.35 -8.48
N ARG A 340 -37.98 -36.71 -8.67
CA ARG A 340 -39.18 -37.15 -7.99
C ARG A 340 -39.62 -38.52 -8.47
N GLN A 341 -39.40 -38.83 -9.75
CA GLN A 341 -39.76 -40.15 -10.27
C GLN A 341 -38.83 -41.23 -9.75
N GLN A 342 -37.52 -40.98 -9.73
CA GLN A 342 -36.56 -42.02 -9.42
C GLN A 342 -36.04 -42.00 -8.00
N LEU A 343 -35.84 -40.82 -7.39
CA LEU A 343 -35.21 -40.72 -6.07
C LEU A 343 -36.06 -39.84 -5.16
N PRO A 344 -37.18 -40.36 -4.65
CA PRO A 344 -38.04 -39.54 -3.78
C PRO A 344 -37.38 -39.10 -2.49
N GLU A 345 -36.46 -39.90 -1.95
CA GLU A 345 -35.91 -39.62 -0.62
C GLU A 345 -35.08 -38.34 -0.61
N LYS A 346 -34.44 -37.99 -1.73
CA LYS A 346 -33.56 -36.85 -1.79
C LYS A 346 -34.24 -35.57 -2.24
N TYR A 347 -35.55 -35.62 -2.50
CA TYR A 347 -36.27 -34.42 -2.94
C TYR A 347 -36.18 -33.31 -1.91
N LYS A 348 -36.48 -33.63 -0.65
CA LYS A 348 -36.45 -32.63 0.41
C LYS A 348 -35.05 -32.07 0.60
N GLU A 349 -34.03 -32.94 0.58
CA GLU A 349 -32.66 -32.49 0.78
C GLU A 349 -32.23 -31.54 -0.33
N ILE A 350 -32.55 -31.86 -1.57
CA ILE A 350 -32.14 -31.02 -2.70
C ILE A 350 -32.91 -29.71 -2.72
N PHE A 351 -34.20 -29.74 -2.42
CA PHE A 351 -35.05 -28.60 -2.71
C PHE A 351 -35.63 -27.90 -1.48
N PHE A 352 -35.23 -28.30 -0.28
CA PHE A 352 -35.72 -27.60 0.91
C PHE A 352 -34.60 -27.29 1.89
N ASP A 353 -33.54 -28.11 1.89
CA ASP A 353 -32.45 -27.94 2.86
C ASP A 353 -31.54 -26.81 2.37
N GLN A 354 -31.73 -25.62 2.94
CA GLN A 354 -30.95 -24.46 2.51
C GLN A 354 -29.52 -24.50 3.01
N SER A 355 -29.21 -25.37 3.98
CA SER A 355 -27.86 -25.43 4.53
C SER A 355 -26.90 -26.24 3.67
N LYS A 356 -27.40 -27.02 2.72
CA LYS A 356 -26.54 -27.82 1.87
C LYS A 356 -26.12 -27.02 0.64
N ASN A 357 -25.50 -27.72 -0.30
CA ASN A 357 -25.08 -27.14 -1.58
C ASN A 357 -26.08 -27.39 -2.70
N GLY A 358 -27.28 -27.85 -2.38
CA GLY A 358 -28.28 -28.13 -3.38
C GLY A 358 -28.93 -26.85 -3.90
N TYR A 359 -30.02 -27.06 -4.65
CA TYR A 359 -30.72 -25.95 -5.27
C TYR A 359 -31.19 -24.93 -4.24
N ALA A 360 -31.70 -25.42 -3.10
CA ALA A 360 -32.11 -24.51 -2.04
C ALA A 360 -30.92 -23.70 -1.54
N GLY A 361 -29.78 -24.35 -1.36
CA GLY A 361 -28.57 -23.63 -1.01
C GLY A 361 -28.07 -22.73 -2.12
N TYR A 362 -28.25 -23.16 -3.38
CA TYR A 362 -27.74 -22.38 -4.50
C TYR A 362 -28.53 -21.09 -4.70
N ILE A 363 -29.82 -21.11 -4.37
CA ILE A 363 -30.65 -19.94 -4.59
C ILE A 363 -30.90 -19.18 -3.30
N ASP A 364 -31.47 -19.84 -2.29
CA ASP A 364 -31.72 -19.19 -1.01
C ASP A 364 -30.45 -19.00 -0.18
N GLY A 365 -29.53 -19.97 -0.20
CA GLY A 365 -28.32 -19.89 0.57
C GLY A 365 -27.20 -19.18 -0.17
N GLY A 366 -26.01 -19.23 0.41
CA GLY A 366 -24.85 -18.59 -0.16
C GLY A 366 -24.07 -19.42 -1.15
N ALA A 367 -24.57 -20.59 -1.51
CA ALA A 367 -23.84 -21.49 -2.39
C ALA A 367 -23.69 -20.87 -3.77
N SER A 368 -22.51 -21.03 -4.37
CA SER A 368 -22.22 -20.46 -5.67
C SER A 368 -22.49 -21.49 -6.78
N GLN A 369 -22.19 -21.08 -8.01
CA GLN A 369 -22.39 -21.95 -9.16
C GLN A 369 -21.51 -23.20 -9.10
N GLU A 370 -20.22 -23.01 -8.82
CA GLU A 370 -19.28 -24.12 -8.87
C GLU A 370 -19.61 -25.18 -7.82
N GLU A 371 -19.95 -24.74 -6.60
CA GLU A 371 -20.34 -25.68 -5.57
C GLU A 371 -21.61 -26.43 -5.95
N PHE A 372 -22.58 -25.74 -6.55
CA PHE A 372 -23.81 -26.40 -6.96
C PHE A 372 -23.54 -27.46 -8.01
N TYR A 373 -22.69 -27.14 -8.99
CA TYR A 373 -22.33 -28.13 -10.00
C TYR A 373 -21.60 -29.31 -9.38
N LYS A 374 -20.69 -29.02 -8.43
CA LYS A 374 -19.96 -30.09 -7.76
C LYS A 374 -20.89 -31.02 -7.02
N PHE A 375 -21.89 -30.47 -6.34
CA PHE A 375 -22.85 -31.30 -5.60
C PHE A 375 -23.76 -32.07 -6.55
N ILE A 376 -24.13 -31.46 -7.67
CA ILE A 376 -25.15 -32.07 -8.51
C ILE A 376 -24.56 -33.08 -9.50
N LYS A 377 -23.26 -33.00 -9.78
CA LYS A 377 -22.66 -33.92 -10.77
C LYS A 377 -22.83 -35.39 -10.42
N PRO A 378 -22.51 -35.86 -9.20
CA PRO A 378 -22.72 -37.28 -8.90
C PRO A 378 -24.16 -37.71 -8.99
N ILE A 379 -25.12 -36.83 -8.68
CA ILE A 379 -26.53 -37.18 -8.76
C ILE A 379 -26.93 -37.45 -10.21
N LEU A 380 -26.49 -36.60 -11.14
CA LEU A 380 -26.84 -36.79 -12.54
C LEU A 380 -26.27 -38.08 -13.08
N GLU A 381 -25.13 -38.52 -12.55
CA GLU A 381 -24.53 -39.78 -12.99
C GLU A 381 -25.38 -40.99 -12.60
N LYS A 382 -26.22 -40.85 -11.57
CA LYS A 382 -26.95 -41.99 -11.04
C LYS A 382 -28.34 -42.14 -11.63
N MET A 383 -28.85 -41.13 -12.35
CA MET A 383 -30.18 -41.19 -12.95
C MET A 383 -30.07 -41.45 -14.44
N ASP A 384 -31.22 -41.70 -15.06
CA ASP A 384 -31.28 -41.95 -16.49
C ASP A 384 -31.75 -40.70 -17.23
N GLY A 385 -31.38 -40.62 -18.51
CA GLY A 385 -31.78 -39.49 -19.33
C GLY A 385 -31.10 -38.18 -18.99
N THR A 386 -29.91 -38.23 -18.40
CA THR A 386 -29.20 -37.03 -17.97
C THR A 386 -28.09 -36.62 -18.94
N GLU A 387 -28.07 -37.18 -20.15
CA GLU A 387 -27.00 -36.87 -21.09
C GLU A 387 -27.01 -35.39 -21.46
N GLU A 388 -28.20 -34.83 -21.75
CA GLU A 388 -28.27 -33.41 -22.05
C GLU A 388 -27.87 -32.57 -20.84
N LEU A 389 -28.32 -32.96 -19.65
CA LEU A 389 -27.94 -32.24 -18.45
C LEU A 389 -26.44 -32.33 -18.21
N LEU A 390 -25.85 -33.50 -18.44
CA LEU A 390 -24.40 -33.65 -18.30
C LEU A 390 -23.66 -32.77 -19.30
N VAL A 391 -24.14 -32.71 -20.53
CA VAL A 391 -23.50 -31.86 -21.54
C VAL A 391 -23.57 -30.40 -21.12
N LYS A 392 -24.74 -29.96 -20.65
CA LYS A 392 -24.86 -28.59 -20.18
C LYS A 392 -23.95 -28.32 -18.99
N LEU A 393 -23.74 -29.33 -18.14
CA LEU A 393 -22.78 -29.20 -17.04
C LEU A 393 -21.38 -29.03 -17.58
N ASN A 394 -21.04 -29.73 -18.66
CA ASN A 394 -19.72 -29.56 -19.27
C ASN A 394 -19.52 -28.15 -19.78
N ARG A 395 -20.58 -27.48 -20.21
CA ARG A 395 -20.50 -26.12 -20.72
C ARG A 395 -20.88 -25.07 -19.68
N GLU A 396 -21.06 -25.46 -18.42
CA GLU A 396 -21.46 -24.55 -17.36
C GLU A 396 -22.74 -23.79 -17.72
N ASP A 397 -23.71 -24.52 -18.25
CA ASP A 397 -24.97 -23.93 -18.70
C ASP A 397 -26.18 -24.46 -17.97
N LEU A 398 -26.02 -25.28 -16.94
CA LEU A 398 -27.16 -25.84 -16.23
C LEU A 398 -27.65 -24.88 -15.16
N LEU A 399 -28.90 -24.44 -15.30
CA LEU A 399 -29.59 -23.63 -14.29
C LEU A 399 -28.80 -22.37 -13.95
N ARG A 400 -28.20 -21.77 -14.97
CA ARG A 400 -27.40 -20.57 -14.76
C ARG A 400 -28.30 -19.40 -14.36
N LYS A 401 -27.79 -18.57 -13.44
CA LYS A 401 -28.52 -17.36 -13.06
C LYS A 401 -28.45 -16.32 -14.17
N GLN A 402 -29.06 -15.16 -13.89
CA GLN A 402 -28.94 -14.03 -14.80
C GLN A 402 -27.84 -13.07 -14.37
N ARG A 403 -27.89 -12.62 -13.12
CA ARG A 403 -26.92 -11.69 -12.56
C ARG A 403 -25.66 -12.49 -12.27
N THR A 404 -24.80 -12.65 -13.26
CA THR A 404 -23.65 -13.54 -13.15
C THR A 404 -22.37 -12.78 -13.43
N PHE A 405 -21.26 -13.36 -12.98
CA PHE A 405 -19.98 -12.67 -13.05
C PHE A 405 -19.40 -12.63 -14.45
N ASP A 406 -19.84 -13.50 -15.36
CA ASP A 406 -19.35 -13.43 -16.73
C ASP A 406 -19.83 -12.18 -17.46
N ASN A 407 -20.84 -11.48 -16.92
CA ASN A 407 -21.34 -10.27 -17.55
C ASN A 407 -20.34 -9.13 -17.52
N GLY A 408 -19.23 -9.27 -16.78
CA GLY A 408 -18.24 -8.22 -16.70
C GLY A 408 -17.59 -7.88 -18.03
N SER A 409 -17.75 -8.74 -19.04
CA SER A 409 -17.15 -8.51 -20.35
C SER A 409 -18.06 -7.76 -21.31
N ILE A 410 -19.25 -7.36 -20.87
CA ILE A 410 -20.18 -6.65 -21.74
C ILE A 410 -19.68 -5.23 -21.99
N PRO A 411 -19.44 -4.85 -23.24
CA PRO A 411 -19.04 -3.47 -23.52
C PRO A 411 -20.18 -2.50 -23.28
N HIS A 412 -19.81 -1.27 -22.91
CA HIS A 412 -20.81 -0.25 -22.63
C HIS A 412 -21.60 0.11 -23.89
N GLN A 413 -21.05 -0.16 -25.07
CA GLN A 413 -21.71 0.18 -26.31
C GLN A 413 -23.04 -0.55 -26.46
N ILE A 414 -23.14 -1.78 -25.95
CA ILE A 414 -24.40 -2.50 -26.04
C ILE A 414 -25.49 -1.79 -25.23
N HIS A 415 -25.18 -1.42 -24.00
CA HIS A 415 -26.13 -0.67 -23.19
C HIS A 415 -26.44 0.68 -23.81
N LEU A 416 -25.44 1.33 -24.41
CA LEU A 416 -25.67 2.59 -25.08
C LEU A 416 -26.65 2.43 -26.24
N GLY A 417 -26.47 1.38 -27.04
CA GLY A 417 -27.38 1.14 -28.14
C GLY A 417 -28.80 0.87 -27.66
N GLU A 418 -28.92 0.08 -26.58
CA GLU A 418 -30.24 -0.19 -26.04
C GLU A 418 -30.90 1.09 -25.53
N LEU A 419 -30.13 1.92 -24.81
CA LEU A 419 -30.64 3.19 -24.34
C LEU A 419 -31.10 4.07 -25.49
N HIS A 420 -30.28 4.15 -26.54
CA HIS A 420 -30.62 4.98 -27.69
C HIS A 420 -31.89 4.48 -28.37
N ALA A 421 -32.01 3.16 -28.52
CA ALA A 421 -33.21 2.61 -29.14
C ALA A 421 -34.45 2.90 -28.31
N ILE A 422 -34.35 2.75 -26.98
CA ILE A 422 -35.50 3.00 -26.14
C ILE A 422 -35.91 4.46 -26.21
N LEU A 423 -34.92 5.36 -26.15
CA LEU A 423 -35.22 6.78 -26.21
C LEU A 423 -35.85 7.15 -27.55
N ARG A 424 -35.35 6.56 -28.64
CA ARG A 424 -35.92 6.81 -29.96
C ARG A 424 -37.35 6.30 -30.04
N ARG A 425 -37.62 5.13 -29.47
CA ARG A 425 -38.96 4.57 -29.54
C ARG A 425 -39.96 5.37 -28.71
N GLN A 426 -39.59 5.76 -27.49
CA GLN A 426 -40.53 6.38 -26.57
C GLN A 426 -40.53 7.90 -26.61
N GLU A 427 -39.69 8.52 -27.43
CA GLU A 427 -39.61 9.98 -27.43
C GLU A 427 -40.89 10.61 -27.98
N ASP A 428 -41.58 9.93 -28.90
CA ASP A 428 -42.77 10.51 -29.50
C ASP A 428 -43.87 10.77 -28.48
N PHE A 429 -43.97 9.92 -27.46
CA PHE A 429 -44.99 10.08 -26.44
C PHE A 429 -44.59 11.06 -25.34
N TYR A 430 -43.28 11.26 -25.15
CA TYR A 430 -42.77 12.17 -24.11
C TYR A 430 -41.85 13.19 -24.76
N PRO A 431 -42.36 14.41 -25.00
CA PRO A 431 -41.52 15.44 -25.63
C PRO A 431 -40.25 15.75 -24.87
N PHE A 432 -40.30 15.73 -23.53
CA PHE A 432 -39.12 16.10 -22.75
C PHE A 432 -37.97 15.12 -22.95
N LEU A 433 -38.28 13.88 -23.31
CA LEU A 433 -37.21 12.93 -23.62
C LEU A 433 -36.40 13.37 -24.83
N LYS A 434 -37.07 13.83 -25.89
CA LYS A 434 -36.37 14.22 -27.11
C LYS A 434 -35.41 15.37 -26.85
N ASP A 435 -35.84 16.36 -26.05
CA ASP A 435 -34.98 17.49 -25.75
C ASP A 435 -33.76 17.04 -24.95
N ASN A 436 -33.92 16.07 -24.05
CA ASN A 436 -32.84 15.63 -23.18
C ASN A 436 -32.19 14.34 -23.65
N ARG A 437 -32.50 13.88 -24.87
CA ARG A 437 -31.93 12.63 -25.35
C ARG A 437 -30.40 12.69 -25.36
N GLU A 438 -29.85 13.79 -25.84
CA GLU A 438 -28.41 13.96 -25.83
C GLU A 438 -27.88 13.97 -24.40
N LYS A 439 -28.60 14.62 -23.48
CA LYS A 439 -28.17 14.62 -22.09
C LYS A 439 -28.16 13.22 -21.51
N ILE A 440 -29.21 12.45 -21.75
CA ILE A 440 -29.30 11.10 -21.20
C ILE A 440 -28.19 10.23 -21.77
N GLU A 441 -27.95 10.32 -23.08
CA GLU A 441 -26.88 9.54 -23.69
C GLU A 441 -25.53 9.95 -23.12
N LYS A 442 -25.31 11.25 -22.92
CA LYS A 442 -24.03 11.71 -22.40
C LYS A 442 -23.81 11.25 -20.98
N ILE A 443 -24.87 11.19 -20.17
CA ILE A 443 -24.73 10.70 -18.80
C ILE A 443 -24.11 9.31 -18.79
N LEU A 444 -24.59 8.43 -19.68
CA LEU A 444 -24.02 7.09 -19.75
C LEU A 444 -22.61 7.14 -20.33
N THR A 445 -22.41 7.89 -21.42
CA THR A 445 -21.12 7.88 -22.09
C THR A 445 -20.04 8.62 -21.33
N PHE A 446 -20.41 9.64 -20.55
CA PHE A 446 -19.41 10.45 -19.87
C PHE A 446 -18.70 9.65 -18.78
N ARG A 447 -17.38 9.72 -18.79
CA ARG A 447 -16.56 9.36 -17.64
C ARG A 447 -15.47 10.40 -17.51
N ILE A 448 -15.06 10.67 -16.28
CA ILE A 448 -14.02 11.65 -16.04
C ILE A 448 -12.71 11.10 -16.58
N PRO A 449 -12.02 11.85 -17.44
CA PRO A 449 -10.77 11.33 -18.03
C PRO A 449 -9.75 11.02 -16.95
N TYR A 450 -8.98 9.95 -17.19
CA TYR A 450 -8.07 9.46 -16.18
C TYR A 450 -6.96 10.45 -15.87
N TYR A 451 -6.72 11.42 -16.77
CA TYR A 451 -5.68 12.40 -16.50
C TYR A 451 -6.21 13.66 -15.83
N VAL A 452 -7.53 13.79 -15.66
CA VAL A 452 -8.08 14.97 -15.00
C VAL A 452 -7.95 14.88 -13.49
N GLY A 453 -8.35 13.77 -12.90
CA GLY A 453 -8.30 13.62 -11.45
C GLY A 453 -9.58 14.08 -10.78
N PRO A 454 -9.61 14.03 -9.46
CA PRO A 454 -10.82 14.41 -8.72
C PRO A 454 -11.13 15.89 -8.88
N LEU A 455 -12.41 16.22 -8.96
CA LEU A 455 -12.86 17.58 -9.17
C LEU A 455 -13.05 18.29 -7.83
N ALA A 456 -11.93 18.59 -7.18
CA ALA A 456 -11.94 19.19 -5.85
C ALA A 456 -11.68 20.69 -5.93
N ARG A 457 -12.11 21.39 -4.90
CA ARG A 457 -11.92 22.83 -4.79
C ARG A 457 -10.71 23.11 -3.91
N GLY A 458 -9.61 22.41 -4.19
CA GLY A 458 -8.37 22.65 -3.47
C GLY A 458 -8.28 22.05 -2.09
N ASN A 459 -9.41 21.67 -1.49
CA ASN A 459 -9.44 21.19 -0.11
C ASN A 459 -8.95 19.76 0.04
N SER A 460 -8.34 19.18 -0.99
CA SER A 460 -7.87 17.80 -0.96
C SER A 460 -6.41 17.77 -1.38
N ARG A 461 -5.65 16.84 -0.80
CA ARG A 461 -4.26 16.67 -1.21
C ARG A 461 -4.13 15.80 -2.46
N PHE A 462 -5.22 15.22 -2.95
CA PHE A 462 -5.15 14.33 -4.09
C PHE A 462 -5.33 15.04 -5.43
N ALA A 463 -6.18 16.05 -5.50
CA ALA A 463 -6.59 16.64 -6.77
C ALA A 463 -5.52 17.55 -7.33
N TRP A 464 -5.56 17.73 -8.65
CA TRP A 464 -4.66 18.65 -9.34
C TRP A 464 -5.36 19.48 -10.39
N MET A 465 -6.68 19.51 -10.43
CA MET A 465 -7.40 20.20 -11.49
C MET A 465 -7.23 21.71 -11.37
N THR A 466 -7.21 22.39 -12.51
CA THR A 466 -7.28 23.83 -12.58
C THR A 466 -8.60 24.24 -13.21
N ARG A 467 -9.35 25.09 -12.52
CA ARG A 467 -10.71 25.44 -12.89
C ARG A 467 -10.75 26.81 -13.54
N LYS A 468 -11.58 26.95 -14.57
CA LYS A 468 -11.74 28.24 -15.24
C LYS A 468 -12.84 29.09 -14.64
N SER A 469 -14.04 28.55 -14.47
CA SER A 469 -15.17 29.31 -13.94
C SER A 469 -15.73 28.60 -12.72
N GLU A 470 -16.25 29.40 -11.79
CA GLU A 470 -16.64 28.91 -10.48
C GLU A 470 -18.01 28.22 -10.48
N GLU A 471 -18.54 27.87 -11.64
CA GLU A 471 -19.81 27.16 -11.69
C GLU A 471 -19.65 25.73 -11.19
N THR A 472 -20.76 25.14 -10.76
CA THR A 472 -20.76 23.76 -10.31
C THR A 472 -20.53 22.83 -11.50
N ILE A 473 -19.62 21.89 -11.35
CA ILE A 473 -19.26 21.00 -12.45
C ILE A 473 -20.38 20.01 -12.70
N THR A 474 -20.83 19.91 -13.95
CA THR A 474 -21.85 18.96 -14.37
C THR A 474 -21.35 18.20 -15.58
N PRO A 475 -21.87 16.99 -15.85
CA PRO A 475 -21.41 16.24 -17.03
C PRO A 475 -21.67 16.95 -18.34
N TRP A 476 -22.66 17.83 -18.41
CA TRP A 476 -22.97 18.52 -19.65
C TRP A 476 -22.03 19.67 -19.95
N ASN A 477 -21.29 20.16 -18.95
CA ASN A 477 -20.39 21.29 -19.14
C ASN A 477 -18.96 21.01 -18.66
N PHE A 478 -18.53 19.75 -18.70
CA PHE A 478 -17.15 19.43 -18.33
C PHE A 478 -16.16 20.10 -19.27
N GLU A 479 -16.44 20.09 -20.57
CA GLU A 479 -15.52 20.65 -21.54
C GLU A 479 -15.29 22.14 -21.35
N GLU A 480 -16.36 22.90 -21.13
CA GLU A 480 -16.27 24.35 -21.15
C GLU A 480 -15.61 24.90 -19.88
N VAL A 481 -15.64 24.15 -18.79
CA VAL A 481 -15.22 24.69 -17.51
C VAL A 481 -13.83 24.22 -17.09
N VAL A 482 -13.40 23.03 -17.50
CA VAL A 482 -12.16 22.46 -17.04
C VAL A 482 -11.15 22.45 -18.19
N ASP A 483 -9.95 22.96 -17.91
CA ASP A 483 -8.86 23.00 -18.90
C ASP A 483 -8.24 21.62 -18.97
N LYS A 484 -8.60 20.87 -20.01
CA LYS A 484 -8.06 19.53 -20.18
C LYS A 484 -6.56 19.55 -20.39
N GLY A 485 -6.07 20.50 -21.18
CA GLY A 485 -4.64 20.60 -21.46
C GLY A 485 -3.82 20.89 -20.22
N ALA A 486 -4.19 21.94 -19.49
CA ALA A 486 -3.51 22.23 -18.23
C ALA A 486 -3.70 21.11 -17.23
N SER A 487 -4.86 20.45 -17.27
CA SER A 487 -5.08 19.30 -16.39
C SER A 487 -4.06 18.20 -16.67
N ALA A 488 -3.85 17.85 -17.94
CA ALA A 488 -2.87 16.84 -18.29
C ALA A 488 -1.46 17.29 -17.94
N GLN A 489 -1.17 18.57 -18.17
CA GLN A 489 0.14 19.10 -17.80
C GLN A 489 0.41 18.88 -16.32
N SER A 490 -0.53 19.30 -15.46
CA SER A 490 -0.37 19.12 -14.02
C SER A 490 -0.27 17.64 -13.67
N PHE A 491 -1.12 16.82 -14.29
CA PHE A 491 -1.15 15.40 -14.00
C PHE A 491 0.21 14.76 -14.24
N ILE A 492 0.87 15.13 -15.33
CA ILE A 492 2.22 14.61 -15.56
C ILE A 492 3.20 15.30 -14.63
N GLU A 493 2.94 16.57 -14.30
CA GLU A 493 3.93 17.41 -13.64
C GLU A 493 4.10 17.06 -12.17
N ARG A 494 3.00 16.80 -11.45
CA ARG A 494 3.10 16.56 -10.01
C ARG A 494 3.79 15.21 -9.81
N MET A 495 4.51 15.11 -8.68
CA MET A 495 5.34 13.98 -8.27
C MET A 495 6.23 13.49 -9.41
N THR A 496 6.56 14.38 -10.33
CA THR A 496 7.59 14.12 -11.32
C THR A 496 8.95 14.54 -10.76
N ASN A 497 10.00 13.88 -11.26
CA ASN A 497 11.34 14.08 -10.70
C ASN A 497 11.74 15.55 -10.71
N PHE A 498 12.25 16.01 -9.57
CA PHE A 498 12.66 17.40 -9.41
C PHE A 498 14.16 17.50 -9.65
N ASP A 499 14.60 18.67 -10.12
CA ASP A 499 16.02 18.92 -10.31
C ASP A 499 16.75 18.84 -8.98
N LYS A 500 17.85 18.10 -8.95
CA LYS A 500 18.64 17.98 -7.74
C LYS A 500 19.30 19.31 -7.37
N ASN A 501 19.88 19.99 -8.35
CA ASN A 501 20.51 21.28 -8.08
C ASN A 501 19.47 22.33 -7.71
N LEU A 502 18.32 22.32 -8.38
CA LEU A 502 17.23 23.23 -8.08
C LEU A 502 16.03 22.42 -7.61
N PRO A 503 15.86 22.24 -6.30
CA PRO A 503 14.79 21.34 -5.82
C PRO A 503 13.39 21.74 -6.24
N ASN A 504 13.12 23.05 -6.34
CA ASN A 504 11.76 23.49 -6.66
C ASN A 504 11.45 23.29 -8.13
N GLU A 505 12.44 23.43 -8.99
CA GLU A 505 12.21 23.46 -10.43
C GLU A 505 11.94 22.06 -10.98
N LYS A 506 11.74 22.00 -12.30
CA LYS A 506 11.44 20.77 -12.99
C LYS A 506 12.45 20.52 -14.11
N VAL A 507 12.85 19.25 -14.25
CA VAL A 507 13.84 18.89 -15.26
C VAL A 507 13.20 18.97 -16.65
N LEU A 508 14.02 19.36 -17.62
CA LEU A 508 13.55 19.44 -18.99
C LEU A 508 13.45 18.04 -19.60
N PRO A 509 12.65 17.89 -20.66
CA PRO A 509 12.61 16.61 -21.37
C PRO A 509 13.98 16.25 -21.94
N LYS A 510 14.24 14.94 -22.02
CA LYS A 510 15.53 14.47 -22.49
C LYS A 510 15.81 14.88 -23.92
N HIS A 511 14.78 14.95 -24.77
CA HIS A 511 14.93 15.35 -26.16
C HIS A 511 14.78 16.84 -26.36
N SER A 512 14.97 17.65 -25.32
CA SER A 512 14.91 19.09 -25.46
C SER A 512 16.05 19.58 -26.35
N LEU A 513 15.75 20.59 -27.17
CA LEU A 513 16.77 21.19 -28.02
C LEU A 513 17.89 21.81 -27.19
N LEU A 514 17.53 22.54 -26.13
CA LEU A 514 18.53 23.17 -25.29
C LEU A 514 19.39 22.12 -24.59
N TYR A 515 18.80 20.97 -24.25
CA TYR A 515 19.58 19.89 -23.66
C TYR A 515 20.61 19.36 -24.65
N GLU A 516 20.21 19.19 -25.92
CA GLU A 516 21.16 18.74 -26.93
C GLU A 516 22.26 19.77 -27.14
N TYR A 517 21.92 21.05 -27.15
CA TYR A 517 22.94 22.09 -27.26
C TYR A 517 23.91 22.05 -26.10
N PHE A 518 23.38 21.88 -24.88
CA PHE A 518 24.22 21.81 -23.70
C PHE A 518 25.17 20.62 -23.78
N THR A 519 24.65 19.45 -24.18
CA THR A 519 25.51 18.27 -24.29
C THR A 519 26.58 18.47 -25.36
N VAL A 520 26.22 19.04 -26.50
CA VAL A 520 27.18 19.25 -27.58
C VAL A 520 28.28 20.20 -27.13
N TYR A 521 27.90 21.31 -26.50
CA TYR A 521 28.90 22.29 -26.05
C TYR A 521 29.75 21.74 -24.93
N ASN A 522 29.18 20.92 -24.04
CA ASN A 522 29.97 20.31 -22.97
C ASN A 522 30.97 19.32 -23.52
N GLU A 523 30.56 18.52 -24.51
CA GLU A 523 31.50 17.57 -25.11
C GLU A 523 32.62 18.30 -25.83
N LEU A 524 32.30 19.35 -26.57
CA LEU A 524 33.33 20.10 -27.28
C LEU A 524 34.17 20.96 -26.34
N THR A 525 33.71 21.14 -25.10
CA THR A 525 34.43 21.98 -24.15
C THR A 525 35.83 21.44 -23.87
N LYS A 526 35.96 20.14 -23.67
CA LYS A 526 37.23 19.51 -23.30
C LYS A 526 38.01 18.99 -24.49
N VAL A 527 37.52 19.21 -25.71
CA VAL A 527 38.22 18.72 -26.90
C VAL A 527 39.44 19.58 -27.17
N LYS A 528 40.59 18.93 -27.33
CA LYS A 528 41.83 19.59 -27.71
C LYS A 528 42.28 19.09 -29.08
N TYR A 529 42.92 19.97 -29.84
CA TYR A 529 43.42 19.64 -31.16
C TYR A 529 44.90 19.95 -31.26
N VAL A 530 45.63 19.09 -31.95
CA VAL A 530 47.07 19.23 -32.12
C VAL A 530 47.38 19.30 -33.61
N THR A 531 48.00 20.40 -34.03
CA THR A 531 48.41 20.60 -35.41
C THR A 531 49.92 20.76 -35.48
N GLU A 532 50.43 20.78 -36.72
CA GLU A 532 51.85 20.99 -36.93
C GLU A 532 52.27 22.37 -36.43
N GLY A 533 53.39 22.42 -35.71
CA GLY A 533 53.88 23.65 -35.13
C GLY A 533 53.38 23.93 -33.73
N MET A 534 52.41 23.16 -33.24
CA MET A 534 51.87 23.37 -31.90
C MET A 534 52.59 22.50 -30.89
N ARG A 535 53.02 23.11 -29.79
CA ARG A 535 53.75 22.37 -28.77
C ARG A 535 52.82 21.75 -27.73
N LYS A 536 51.68 22.38 -27.47
CA LYS A 536 50.71 21.86 -26.52
C LYS A 536 49.31 21.92 -27.12
N PRO A 537 48.45 20.97 -26.79
CA PRO A 537 47.08 21.01 -27.31
C PRO A 537 46.31 22.20 -26.75
N ALA A 538 45.39 22.72 -27.55
CA ALA A 538 44.61 23.90 -27.20
C ALA A 538 43.12 23.60 -27.26
N PHE A 539 42.37 24.26 -26.37
CA PHE A 539 40.92 24.15 -26.37
C PHE A 539 40.31 24.90 -27.55
N LEU A 540 39.09 24.53 -27.89
CA LEU A 540 38.37 25.16 -28.98
C LEU A 540 37.73 26.47 -28.52
N SER A 541 37.88 27.51 -29.33
CA SER A 541 37.32 28.80 -29.00
C SER A 541 35.82 28.83 -29.30
N GLY A 542 35.16 29.90 -28.86
CA GLY A 542 33.72 30.02 -29.03
C GLY A 542 33.31 30.10 -30.49
N GLU A 543 34.03 30.90 -31.28
CA GLU A 543 33.76 30.96 -32.71
C GLU A 543 34.00 29.60 -33.35
N GLN A 544 35.07 28.91 -32.94
CA GLN A 544 35.33 27.57 -33.44
C GLN A 544 34.19 26.61 -33.09
N LYS A 545 33.70 26.70 -31.85
CA LYS A 545 32.59 25.84 -31.44
C LYS A 545 31.35 26.10 -32.29
N LYS A 546 31.01 27.37 -32.49
CA LYS A 546 29.83 27.72 -33.29
C LYS A 546 29.98 27.23 -34.72
N ALA A 547 31.16 27.44 -35.31
CA ALA A 547 31.38 26.99 -36.69
C ALA A 547 31.29 25.48 -36.80
N ILE A 548 31.88 24.75 -35.86
CA ILE A 548 31.82 23.29 -35.89
C ILE A 548 30.39 22.81 -35.77
N VAL A 549 29.63 23.39 -34.83
CA VAL A 549 28.24 22.96 -34.65
C VAL A 549 27.44 23.23 -35.91
N ASP A 550 27.58 24.43 -36.47
CA ASP A 550 26.81 24.79 -37.67
C ASP A 550 27.17 23.88 -38.85
N LEU A 551 28.46 23.58 -39.02
CA LEU A 551 28.90 22.81 -40.17
C LEU A 551 28.59 21.32 -40.07
N LEU A 552 28.71 20.72 -38.89
CA LEU A 552 28.54 19.27 -38.77
C LEU A 552 27.36 18.88 -37.88
N PHE A 553 27.22 19.50 -36.70
CA PHE A 553 26.20 19.07 -35.77
C PHE A 553 24.80 19.34 -36.28
N LYS A 554 24.63 20.42 -37.06
CA LYS A 554 23.34 20.69 -37.69
C LYS A 554 23.17 20.03 -39.04
N THR A 555 24.22 19.41 -39.59
CA THR A 555 24.15 18.78 -40.90
C THR A 555 24.31 17.26 -40.87
N ASN A 556 24.85 16.71 -39.79
CA ASN A 556 25.06 15.27 -39.68
C ASN A 556 24.38 14.76 -38.42
N ARG A 557 23.61 13.68 -38.57
CA ARG A 557 22.95 13.08 -37.41
C ARG A 557 23.95 12.54 -36.41
N LYS A 558 25.12 12.11 -36.87
CA LYS A 558 26.19 11.65 -36.01
C LYS A 558 27.49 12.33 -36.43
N VAL A 559 28.23 12.83 -35.46
CA VAL A 559 29.49 13.53 -35.70
C VAL A 559 30.62 12.68 -35.16
N THR A 560 31.56 12.33 -36.03
CA THR A 560 32.71 11.52 -35.63
C THR A 560 34.00 12.34 -35.70
N VAL A 561 35.06 11.76 -35.15
CA VAL A 561 36.37 12.41 -35.16
C VAL A 561 36.88 12.56 -36.59
N LYS A 562 36.76 11.51 -37.41
CA LYS A 562 37.24 11.56 -38.78
C LYS A 562 36.43 12.57 -39.60
N GLN A 563 35.12 12.63 -39.37
CA GLN A 563 34.30 13.61 -40.05
C GLN A 563 34.75 15.03 -39.72
N LEU A 564 35.01 15.30 -38.44
CA LEU A 564 35.51 16.62 -38.06
C LEU A 564 36.84 16.92 -38.74
N LYS A 565 37.76 15.95 -38.72
CA LYS A 565 39.07 16.15 -39.32
C LYS A 565 38.96 16.48 -40.81
N GLU A 566 38.09 15.77 -41.53
CA GLU A 566 38.03 15.95 -42.98
C GLU A 566 37.06 17.05 -43.39
N ASP A 567 36.27 17.58 -42.45
CA ASP A 567 35.27 18.58 -42.83
C ASP A 567 35.54 19.98 -42.29
N TYR A 568 36.09 20.12 -41.08
CA TYR A 568 36.29 21.44 -40.48
C TYR A 568 37.76 21.83 -40.51
N PHE A 569 38.65 20.98 -39.99
CA PHE A 569 40.06 21.34 -39.91
C PHE A 569 40.70 21.39 -41.30
N LYS A 570 40.44 20.38 -42.11
CA LYS A 570 41.05 20.31 -43.45
C LYS A 570 40.39 21.27 -44.42
N LYS A 571 39.06 21.40 -44.35
CA LYS A 571 38.34 22.20 -45.35
C LYS A 571 38.26 23.67 -44.96
N ILE A 572 37.80 23.97 -43.75
CA ILE A 572 37.54 25.33 -43.32
C ILE A 572 38.80 26.01 -42.78
N GLU A 573 39.49 25.36 -41.85
CA GLU A 573 40.68 25.95 -41.24
C GLU A 573 41.97 25.54 -41.93
N CYS A 574 41.89 24.73 -42.99
CA CYS A 574 43.04 24.34 -43.81
C CYS A 574 44.14 23.68 -42.99
N PHE A 575 43.77 22.84 -42.03
CA PHE A 575 44.74 22.07 -41.26
C PHE A 575 44.76 20.64 -41.79
N ASP A 576 45.87 20.27 -42.44
CA ASP A 576 45.98 18.94 -43.03
C ASP A 576 46.05 17.86 -41.96
N SER A 577 46.80 18.09 -40.89
CA SER A 577 47.02 17.10 -39.85
C SER A 577 46.56 17.63 -38.51
N VAL A 578 45.58 16.96 -37.91
CA VAL A 578 45.05 17.33 -36.61
C VAL A 578 44.85 16.06 -35.80
N GLU A 579 45.28 16.09 -34.54
CA GLU A 579 45.04 15.00 -33.60
C GLU A 579 44.00 15.44 -32.58
N ILE A 580 42.97 14.61 -32.39
CA ILE A 580 41.83 14.93 -31.54
C ILE A 580 41.85 14.00 -30.34
N SER A 581 41.75 14.57 -29.14
CA SER A 581 41.79 13.82 -27.90
C SER A 581 40.53 14.12 -27.09
N GLY A 582 40.17 13.17 -26.23
CA GLY A 582 38.99 13.30 -25.39
C GLY A 582 37.72 12.75 -26.00
N VAL A 583 37.73 12.38 -27.28
CA VAL A 583 36.55 11.84 -27.95
C VAL A 583 36.93 10.48 -28.53
N GLU A 584 36.09 9.48 -28.28
CA GLU A 584 36.39 8.11 -28.68
C GLU A 584 35.70 7.78 -29.99
N ASP A 585 36.31 8.22 -31.09
CA ASP A 585 35.97 7.81 -32.45
C ASP A 585 34.62 8.31 -32.94
N ARG A 586 33.88 9.02 -32.08
CA ARG A 586 32.61 9.62 -32.43
C ARG A 586 32.09 10.44 -31.26
N PHE A 587 31.32 11.48 -31.58
CA PHE A 587 30.76 12.32 -30.55
C PHE A 587 29.43 11.76 -30.07
N ASN A 588 29.33 11.55 -28.75
CA ASN A 588 28.11 11.01 -28.16
C ASN A 588 26.94 11.98 -28.31
N ALA A 589 27.18 13.26 -28.09
CA ALA A 589 26.12 14.26 -28.23
C ALA A 589 25.89 14.58 -29.70
N SER A 590 24.61 14.73 -30.06
CA SER A 590 24.25 15.00 -31.44
C SER A 590 22.90 15.72 -31.46
N LEU A 591 22.65 16.43 -32.54
CA LEU A 591 21.44 17.23 -32.70
C LEU A 591 20.33 16.46 -33.41
N GLY A 592 20.02 15.26 -32.90
CA GLY A 592 19.01 14.44 -33.56
C GLY A 592 17.65 15.10 -33.61
N THR A 593 17.25 15.74 -32.50
CA THR A 593 16.00 16.49 -32.49
C THR A 593 16.05 17.65 -33.49
N TYR A 594 17.20 18.31 -33.58
CA TYR A 594 17.35 19.39 -34.55
C TYR A 594 17.23 18.85 -35.97
N HIS A 595 17.77 17.66 -36.23
CA HIS A 595 17.64 17.07 -37.56
C HIS A 595 16.19 16.70 -37.86
N ASP A 596 15.46 16.19 -36.87
CA ASP A 596 14.05 15.91 -37.08
C ASP A 596 13.27 17.18 -37.37
N LEU A 597 13.60 18.27 -36.67
CA LEU A 597 12.94 19.55 -36.91
C LEU A 597 13.29 20.09 -38.29
N LEU A 598 14.52 19.87 -38.74
CA LEU A 598 14.88 20.25 -40.11
C LEU A 598 14.11 19.41 -41.12
N LYS A 599 13.88 18.13 -40.80
CA LYS A 599 13.09 17.26 -41.67
C LYS A 599 11.65 17.74 -41.77
N ILE A 600 11.04 18.15 -40.66
CA ILE A 600 9.61 18.46 -40.65
C ILE A 600 9.35 19.92 -40.97
N ILE A 601 9.88 20.82 -40.15
CA ILE A 601 9.69 22.25 -40.38
C ILE A 601 10.34 22.71 -41.68
N LYS A 602 11.55 22.23 -41.95
CA LYS A 602 12.31 22.56 -43.16
C LYS A 602 12.62 24.06 -43.27
N ASP A 603 12.70 24.76 -42.15
CA ASP A 603 13.03 26.18 -42.13
C ASP A 603 14.24 26.34 -41.20
N LYS A 604 15.44 26.45 -41.80
CA LYS A 604 16.67 26.51 -41.01
C LYS A 604 16.73 27.78 -40.16
N ASP A 605 16.34 28.92 -40.74
CA ASP A 605 16.44 30.19 -40.01
C ASP A 605 15.43 30.24 -38.86
N PHE A 606 14.26 29.63 -39.04
CA PHE A 606 13.28 29.57 -37.96
C PHE A 606 13.84 28.80 -36.77
N LEU A 607 14.55 27.70 -37.03
CA LEU A 607 15.18 26.94 -35.96
C LEU A 607 16.35 27.68 -35.36
N ASP A 608 17.11 28.42 -36.17
CA ASP A 608 18.31 29.10 -35.70
C ASP A 608 18.01 30.43 -35.01
N ASN A 609 16.76 30.88 -35.01
CA ASN A 609 16.40 32.13 -34.35
C ASN A 609 16.11 31.84 -32.87
N GLU A 610 16.80 32.57 -31.99
CA GLU A 610 16.58 32.37 -30.56
C GLU A 610 15.23 32.89 -30.11
N GLU A 611 14.60 33.76 -30.92
CA GLU A 611 13.25 34.20 -30.63
C GLU A 611 12.26 33.04 -30.67
N ASN A 612 12.57 31.98 -31.42
CA ASN A 612 11.72 30.80 -31.52
C ASN A 612 12.04 29.75 -30.48
N GLU A 613 13.01 30.01 -29.59
CA GLU A 613 13.45 28.99 -28.65
C GLU A 613 12.32 28.58 -27.72
N ASP A 614 11.54 29.54 -27.23
CA ASP A 614 10.43 29.22 -26.33
C ASP A 614 9.40 28.34 -27.03
N ILE A 615 9.02 28.69 -28.25
CA ILE A 615 8.03 27.91 -28.97
C ILE A 615 8.53 26.51 -29.27
N LEU A 616 9.79 26.40 -29.71
CA LEU A 616 10.35 25.08 -30.00
C LEU A 616 10.42 24.22 -28.75
N GLU A 617 10.85 24.81 -27.63
CA GLU A 617 10.91 24.06 -26.38
C GLU A 617 9.53 23.61 -25.94
N ASP A 618 8.52 24.48 -26.07
CA ASP A 618 7.17 24.09 -25.70
C ASP A 618 6.64 22.99 -26.61
N ILE A 619 6.99 23.04 -27.91
CA ILE A 619 6.56 21.99 -28.83
C ILE A 619 7.19 20.66 -28.45
N VAL A 620 8.49 20.69 -28.12
CA VAL A 620 9.16 19.46 -27.69
C VAL A 620 8.54 18.92 -26.41
N LEU A 621 8.24 19.80 -25.46
CA LEU A 621 7.59 19.39 -24.23
C LEU A 621 6.23 18.77 -24.52
N THR A 622 5.46 19.38 -25.40
CA THR A 622 4.14 18.85 -25.74
C THR A 622 4.24 17.47 -26.36
N LEU A 623 5.21 17.29 -27.27
CA LEU A 623 5.39 15.99 -27.90
C LEU A 623 5.90 14.95 -26.91
N THR A 624 6.67 15.36 -25.91
CA THR A 624 7.17 14.44 -24.89
C THR A 624 6.12 14.05 -23.87
N LEU A 625 5.15 14.94 -23.61
CA LEU A 625 4.23 14.73 -22.49
C LEU A 625 3.08 13.81 -22.87
N PHE A 626 2.42 14.07 -24.01
CA PHE A 626 1.11 13.52 -24.29
C PHE A 626 1.22 12.35 -25.26
N GLU A 627 0.42 11.32 -25.02
CA GLU A 627 0.27 10.24 -26.00
C GLU A 627 -1.02 10.33 -26.79
N ASP A 628 -2.08 10.90 -26.21
CA ASP A 628 -3.31 11.14 -26.95
C ASP A 628 -3.05 12.23 -27.98
N ARG A 629 -3.18 11.89 -29.26
CA ARG A 629 -2.84 12.83 -30.31
C ARG A 629 -3.81 14.00 -30.35
N GLU A 630 -5.03 13.80 -29.84
CA GLU A 630 -5.98 14.90 -29.76
C GLU A 630 -5.49 16.00 -28.83
N MET A 631 -4.91 15.62 -27.69
CA MET A 631 -4.35 16.62 -26.78
C MET A 631 -3.20 17.38 -27.43
N ILE A 632 -2.32 16.66 -28.14
CA ILE A 632 -1.21 17.30 -28.82
C ILE A 632 -1.73 18.29 -29.86
N GLU A 633 -2.72 17.87 -30.65
CA GLU A 633 -3.30 18.75 -31.66
C GLU A 633 -3.92 19.99 -31.02
N GLU A 634 -4.64 19.80 -29.92
CA GLU A 634 -5.28 20.92 -29.25
C GLU A 634 -4.25 21.91 -28.71
N ARG A 635 -3.17 21.40 -28.10
CA ARG A 635 -2.16 22.32 -27.56
C ARG A 635 -1.32 22.95 -28.67
N LEU A 636 -0.95 22.17 -29.68
CA LEU A 636 -0.22 22.75 -30.80
C LEU A 636 -1.10 23.59 -31.70
N LYS A 637 -2.42 23.56 -31.51
CA LYS A 637 -3.31 24.41 -32.30
C LYS A 637 -3.01 25.89 -32.08
N THR A 638 -2.44 26.24 -30.93
CA THR A 638 -2.01 27.60 -30.68
C THR A 638 -0.90 28.03 -31.63
N TYR A 639 -0.07 27.10 -32.09
CA TYR A 639 1.05 27.41 -32.96
C TYR A 639 0.77 27.08 -34.43
N ALA A 640 -0.47 26.74 -34.77
CA ALA A 640 -0.80 26.42 -36.15
C ALA A 640 -0.78 27.66 -37.05
N HIS A 641 -0.76 28.86 -36.47
CA HIS A 641 -0.71 30.07 -37.27
C HIS A 641 0.63 30.27 -37.97
N LEU A 642 1.69 29.61 -37.50
CA LEU A 642 3.00 29.72 -38.13
C LEU A 642 3.33 28.56 -39.05
N PHE A 643 2.59 27.45 -38.95
CA PHE A 643 2.90 26.24 -39.68
C PHE A 643 1.70 25.77 -40.48
N ASP A 644 1.96 25.27 -41.68
CA ASP A 644 0.88 24.78 -42.53
C ASP A 644 0.33 23.46 -41.98
N ASP A 645 -0.78 23.02 -42.57
CA ASP A 645 -1.45 21.81 -42.10
C ASP A 645 -0.58 20.57 -42.29
N LYS A 646 0.20 20.52 -43.36
CA LYS A 646 1.06 19.35 -43.59
C LYS A 646 2.16 19.26 -42.56
N VAL A 647 2.82 20.38 -42.26
CA VAL A 647 3.87 20.39 -41.24
C VAL A 647 3.28 20.05 -39.88
N MET A 648 2.07 20.56 -39.60
CA MET A 648 1.40 20.21 -38.35
C MET A 648 1.11 18.71 -38.29
N LYS A 649 0.70 18.12 -39.41
CA LYS A 649 0.45 16.69 -39.45
C LYS A 649 1.72 15.89 -39.19
N GLN A 650 2.85 16.33 -39.77
CA GLN A 650 4.10 15.61 -39.56
C GLN A 650 4.54 15.64 -38.10
N LEU A 651 4.41 16.81 -37.46
CA LEU A 651 4.82 16.93 -36.06
C LEU A 651 3.98 16.06 -35.15
N LYS A 652 2.67 16.00 -35.40
CA LYS A 652 1.77 15.26 -34.51
C LYS A 652 2.09 13.77 -34.50
N ARG A 653 2.78 13.28 -35.53
CA ARG A 653 3.18 11.88 -35.56
C ARG A 653 4.44 11.64 -34.73
N ARG A 654 5.28 12.66 -34.59
CA ARG A 654 6.52 12.50 -33.84
C ARG A 654 6.24 12.42 -32.34
N ARG A 655 6.92 11.51 -31.66
CA ARG A 655 6.78 11.34 -30.22
C ARG A 655 8.15 11.17 -29.58
N TYR A 656 8.28 11.64 -28.34
CA TYR A 656 9.51 11.53 -27.59
C TYR A 656 9.19 11.14 -26.14
N THR A 657 10.16 10.51 -25.49
CA THR A 657 10.02 10.11 -24.10
C THR A 657 11.31 10.45 -23.35
N GLY A 658 11.27 10.25 -22.03
CA GLY A 658 12.43 10.46 -21.20
C GLY A 658 12.56 11.89 -20.72
N TRP A 659 13.30 12.05 -19.62
CA TRP A 659 13.54 13.34 -19.01
C TRP A 659 15.02 13.51 -18.74
N GLY A 660 15.48 14.76 -18.76
CA GLY A 660 16.87 15.07 -18.52
C GLY A 660 17.19 15.16 -17.04
N ARG A 661 18.43 15.55 -16.76
CA ARG A 661 18.92 15.68 -15.39
C ARG A 661 19.06 17.12 -14.92
N LEU A 662 18.93 18.10 -15.81
CA LEU A 662 19.06 19.51 -15.46
C LEU A 662 17.83 20.28 -15.93
N SER A 663 17.52 21.35 -15.20
CA SER A 663 16.37 22.18 -15.51
C SER A 663 16.76 23.36 -16.39
N ARG A 664 15.75 23.98 -17.00
CA ARG A 664 15.98 25.14 -17.85
C ARG A 664 16.54 26.31 -17.05
N LYS A 665 16.01 26.54 -15.84
CA LYS A 665 16.46 27.67 -15.05
C LYS A 665 17.89 27.47 -14.58
N LEU A 666 18.32 26.22 -14.43
CA LEU A 666 19.70 25.96 -14.02
C LEU A 666 20.68 26.26 -15.15
N ILE A 667 20.33 25.90 -16.38
CA ILE A 667 21.28 26.04 -17.48
C ILE A 667 21.19 27.44 -18.10
N ASN A 668 20.02 27.81 -18.60
CA ASN A 668 19.88 29.07 -19.34
C ASN A 668 18.95 30.03 -18.62
N GLY A 669 18.65 29.77 -17.35
CA GLY A 669 17.77 30.63 -16.59
C GLY A 669 18.49 31.59 -15.67
N ILE A 670 19.49 31.10 -14.94
CA ILE A 670 20.22 31.95 -14.00
C ILE A 670 21.42 32.57 -14.71
N ARG A 671 21.81 33.75 -14.25
CA ARG A 671 22.90 34.51 -14.86
C ARG A 671 23.94 34.87 -13.81
N ASP A 672 25.20 34.94 -14.24
CA ASP A 672 26.26 35.43 -13.37
C ASP A 672 26.08 36.93 -13.13
N LYS A 673 26.20 37.34 -11.87
CA LYS A 673 25.97 38.74 -11.54
C LYS A 673 27.05 39.65 -12.08
N GLN A 674 28.21 39.09 -12.42
CA GLN A 674 29.30 39.90 -12.95
C GLN A 674 29.21 40.03 -14.48
N SER A 675 29.00 38.92 -15.18
CA SER A 675 29.01 38.92 -16.64
C SER A 675 27.62 38.88 -17.25
N GLY A 676 26.63 38.33 -16.55
CA GLY A 676 25.31 38.16 -17.12
C GLY A 676 25.16 36.97 -18.04
N LYS A 677 26.19 36.16 -18.21
CA LYS A 677 26.12 34.99 -19.05
C LYS A 677 25.49 33.81 -18.29
N THR A 678 24.73 33.00 -19.02
CA THR A 678 24.22 31.76 -18.45
C THR A 678 25.23 30.64 -18.67
N ILE A 679 24.91 29.46 -18.13
CA ILE A 679 25.78 28.30 -18.34
C ILE A 679 25.90 27.97 -19.81
N LEU A 680 24.78 28.04 -20.53
CA LEU A 680 24.83 27.85 -21.99
C LEU A 680 25.68 28.91 -22.65
N ASP A 681 25.58 30.15 -22.19
CA ASP A 681 26.39 31.23 -22.75
C ASP A 681 27.88 30.99 -22.51
N PHE A 682 28.24 30.54 -21.30
CA PHE A 682 29.64 30.24 -21.02
C PHE A 682 30.13 29.08 -21.86
N LEU A 683 29.32 28.04 -22.01
CA LEU A 683 29.75 26.89 -22.80
C LEU A 683 29.88 27.23 -24.28
N LYS A 684 29.05 28.16 -24.78
CA LYS A 684 29.20 28.60 -26.16
C LYS A 684 30.54 29.26 -26.39
N SER A 685 30.97 30.10 -25.45
CA SER A 685 32.26 30.79 -25.57
C SER A 685 32.71 31.19 -24.17
N ASP A 686 33.86 30.67 -23.74
CA ASP A 686 34.41 31.00 -22.43
C ASP A 686 35.87 31.44 -22.52
N GLY A 687 36.38 31.64 -23.74
CA GLY A 687 37.75 32.10 -23.90
C GLY A 687 38.76 31.08 -23.41
N PHE A 688 39.80 31.57 -22.74
CA PHE A 688 40.90 30.71 -22.32
C PHE A 688 40.48 29.70 -21.26
N ALA A 689 39.59 30.08 -20.35
CA ALA A 689 39.20 29.17 -19.27
C ALA A 689 38.46 27.95 -19.81
N ASN A 690 37.43 28.18 -20.64
CA ASN A 690 36.64 27.11 -21.24
C ASN A 690 36.13 26.14 -20.18
N ARG A 691 35.43 26.69 -19.19
CA ARG A 691 34.92 25.89 -18.09
C ARG A 691 33.71 25.06 -18.54
N ASN A 692 33.70 23.80 -18.14
CA ASN A 692 32.56 22.93 -18.39
C ASN A 692 31.49 23.15 -17.32
N PHE A 693 30.42 22.34 -17.39
CA PHE A 693 29.32 22.47 -16.44
C PHE A 693 29.81 22.27 -15.00
N MET A 694 30.65 21.25 -14.80
CA MET A 694 31.19 20.98 -13.46
C MET A 694 32.01 22.16 -12.96
N GLN A 695 32.89 22.70 -13.82
CA GLN A 695 33.69 23.84 -13.42
C GLN A 695 32.85 25.08 -13.21
N LEU A 696 31.83 25.30 -14.06
CA LEU A 696 30.97 26.46 -13.89
C LEU A 696 30.21 26.41 -12.58
N ILE A 697 29.72 25.23 -12.19
CA ILE A 697 28.98 25.12 -10.93
C ILE A 697 29.88 25.08 -9.71
N HIS A 698 31.14 24.68 -9.86
CA HIS A 698 32.08 24.64 -8.74
C HIS A 698 33.05 25.80 -8.72
N ASP A 699 32.89 26.80 -9.59
CA ASP A 699 33.78 27.95 -9.58
C ASP A 699 33.29 28.97 -8.56
N ASP A 700 34.19 29.42 -7.68
CA ASP A 700 33.82 30.41 -6.67
C ASP A 700 33.65 31.81 -7.26
N SER A 701 34.31 32.10 -8.38
CA SER A 701 34.25 33.43 -8.97
C SER A 701 32.90 33.76 -9.58
N LEU A 702 32.04 32.76 -9.79
CA LEU A 702 30.71 32.97 -10.35
C LEU A 702 29.66 32.78 -9.27
N THR A 703 28.49 33.39 -9.49
CA THR A 703 27.39 33.31 -8.54
C THR A 703 26.56 32.04 -8.71
N PHE A 704 26.91 31.18 -9.67
CA PHE A 704 26.13 29.97 -9.90
C PHE A 704 26.19 29.04 -8.70
N LYS A 705 27.36 28.90 -8.09
CA LYS A 705 27.47 28.10 -6.88
C LYS A 705 26.64 28.70 -5.74
N GLU A 706 26.67 30.03 -5.62
CA GLU A 706 25.83 30.70 -4.63
C GLU A 706 24.35 30.47 -4.92
N ASP A 707 23.96 30.51 -6.21
CA ASP A 707 22.58 30.22 -6.57
C ASP A 707 22.19 28.80 -6.17
N ILE A 708 23.08 27.83 -6.43
CA ILE A 708 22.79 26.44 -6.08
C ILE A 708 22.65 26.29 -4.57
N GLN A 709 23.55 26.91 -3.81
CA GLN A 709 23.47 26.82 -2.35
C GLN A 709 22.20 27.47 -1.83
N LYS A 710 21.77 28.57 -2.46
CA LYS A 710 20.49 29.17 -2.09
C LYS A 710 19.34 28.24 -2.42
N ALA A 711 19.45 27.48 -3.51
CA ALA A 711 18.41 26.54 -3.88
C ALA A 711 18.24 25.46 -2.83
N GLN A 712 19.35 24.98 -2.26
CA GLN A 712 19.28 23.98 -1.21
C GLN A 712 18.51 24.53 -0.01
N VAL A 713 17.59 23.72 0.50
CA VAL A 713 16.70 24.12 1.58
C VAL A 713 17.02 23.28 2.80
N SER A 714 17.43 23.95 3.88
CA SER A 714 17.70 23.29 5.15
C SER A 714 16.52 23.51 6.08
N GLY A 715 15.48 22.71 5.91
CA GLY A 715 14.28 22.86 6.71
C GLY A 715 14.34 22.13 8.04
N GLN A 716 13.18 21.67 8.48
CA GLN A 716 13.09 20.90 9.72
C GLN A 716 13.96 19.64 9.64
N GLY A 717 14.24 19.06 10.80
CA GLY A 717 15.05 17.86 10.89
C GLY A 717 14.58 16.76 9.96
N ASP A 718 15.41 16.41 9.00
CA ASP A 718 15.04 15.41 8.01
C ASP A 718 15.10 14.01 8.62
N SER A 719 14.49 13.05 7.93
CA SER A 719 14.41 11.66 8.36
C SER A 719 13.60 11.51 9.65
N LEU A 720 12.88 12.58 10.01
CA LEU A 720 11.84 12.46 11.03
C LEU A 720 10.52 12.10 10.37
N HIS A 721 10.13 12.86 9.35
CA HIS A 721 9.00 12.51 8.50
C HIS A 721 9.46 12.51 7.06
N GLU A 722 10.38 13.41 6.72
CA GLU A 722 10.72 13.66 5.32
C GLU A 722 11.31 12.41 4.66
N HIS A 723 12.48 11.98 5.12
CA HIS A 723 13.11 10.81 4.51
C HIS A 723 12.31 9.55 4.80
N ILE A 724 11.60 9.52 5.93
CA ILE A 724 10.78 8.36 6.26
C ILE A 724 9.68 8.18 5.22
N ALA A 725 9.20 9.28 4.65
CA ALA A 725 8.21 9.20 3.58
C ALA A 725 8.81 9.33 2.19
N ASN A 726 10.13 9.52 2.07
CA ASN A 726 10.75 9.74 0.76
C ASN A 726 11.74 8.66 0.35
N LEU A 727 12.28 7.87 1.28
CA LEU A 727 13.23 6.83 0.90
C LEU A 727 12.53 5.73 0.12
N ALA A 728 13.30 5.07 -0.74
CA ALA A 728 12.76 4.02 -1.62
C ALA A 728 12.69 2.71 -0.86
N GLY A 729 11.49 2.16 -0.73
CA GLY A 729 11.31 0.89 -0.07
C GLY A 729 9.88 0.73 0.40
N SER A 730 9.61 -0.41 1.01
CA SER A 730 8.30 -0.66 1.59
C SER A 730 8.11 0.19 2.84
N PRO A 731 6.87 0.55 3.17
CA PRO A 731 6.65 1.37 4.38
C PRO A 731 7.11 0.69 5.65
N ALA A 732 7.18 -0.64 5.67
CA ALA A 732 7.61 -1.35 6.88
C ALA A 732 9.04 -1.00 7.24
N ILE A 733 9.94 -1.03 6.26
CA ILE A 733 11.33 -0.70 6.54
C ILE A 733 11.45 0.78 6.90
N LYS A 734 10.55 1.60 6.36
CA LYS A 734 10.51 3.02 6.74
C LYS A 734 10.20 3.17 8.21
N LYS A 735 9.15 2.48 8.68
CA LYS A 735 8.82 2.44 10.10
C LYS A 735 10.00 1.95 10.92
N GLY A 736 10.65 0.89 10.46
CA GLY A 736 11.77 0.34 11.21
C GLY A 736 12.91 1.35 11.36
N ILE A 737 13.22 2.05 10.26
CA ILE A 737 14.30 3.04 10.30
C ILE A 737 13.94 4.18 11.25
N LEU A 738 12.70 4.65 11.19
CA LEU A 738 12.30 5.73 12.10
C LEU A 738 12.40 5.29 13.55
N GLN A 739 11.94 4.09 13.87
CA GLN A 739 12.06 3.58 15.23
C GLN A 739 13.52 3.45 15.63
N THR A 740 14.37 3.01 14.71
CA THR A 740 15.80 2.90 15.00
C THR A 740 16.40 4.26 15.35
N VAL A 741 16.01 5.28 14.60
CA VAL A 741 16.51 6.64 14.87
C VAL A 741 16.06 7.09 16.25
N LYS A 742 14.78 6.88 16.59
CA LYS A 742 14.31 7.27 17.90
C LYS A 742 15.03 6.50 19.00
N VAL A 743 15.30 5.22 18.78
CA VAL A 743 16.02 4.42 19.77
C VAL A 743 17.43 4.95 19.97
N VAL A 744 18.10 5.32 18.87
CA VAL A 744 19.44 5.88 18.97
C VAL A 744 19.42 7.18 19.76
N ASP A 745 18.43 8.04 19.50
CA ASP A 745 18.32 9.28 20.24
C ASP A 745 18.13 9.02 21.73
N GLU A 746 17.25 8.06 22.07
CA GLU A 746 17.02 7.77 23.48
C GLU A 746 18.27 7.19 24.13
N LEU A 747 19.00 6.34 23.42
CA LEU A 747 20.24 5.79 23.96
C LEU A 747 21.26 6.90 24.22
N VAL A 748 21.37 7.84 23.28
CA VAL A 748 22.25 8.99 23.51
C VAL A 748 21.80 9.76 24.74
N LYS A 749 20.49 9.91 24.93
CA LYS A 749 19.99 10.54 26.13
C LYS A 749 20.41 9.78 27.38
N VAL A 750 20.42 8.44 27.30
CA VAL A 750 20.77 7.63 28.46
C VAL A 750 22.25 7.75 28.80
N MET A 751 23.12 7.74 27.78
CA MET A 751 24.56 7.67 27.99
C MET A 751 25.18 9.01 28.40
N GLY A 752 24.39 9.96 28.85
CA GLY A 752 24.92 11.27 29.21
C GLY A 752 25.19 12.16 28.02
N ARG A 753 24.53 11.92 26.89
CA ARG A 753 24.65 12.71 25.67
C ARG A 753 26.05 12.70 25.10
N HIS A 754 26.91 11.79 25.54
CA HIS A 754 28.21 11.61 24.93
C HIS A 754 28.09 10.65 23.75
N LYS A 755 28.28 11.18 22.54
CA LYS A 755 27.99 10.42 21.34
C LYS A 755 28.93 9.22 21.21
N PRO A 756 28.44 8.10 20.70
CA PRO A 756 29.27 6.91 20.58
C PRO A 756 30.34 7.08 19.51
N GLU A 757 31.47 6.39 19.72
CA GLU A 757 32.56 6.45 18.76
C GLU A 757 32.15 5.84 17.42
N ASN A 758 31.47 4.71 17.44
CA ASN A 758 31.11 3.99 16.22
C ASN A 758 29.70 3.44 16.33
N ILE A 759 29.07 3.24 15.18
CA ILE A 759 27.73 2.68 15.07
C ILE A 759 27.78 1.55 14.06
N VAL A 760 27.32 0.37 14.45
CA VAL A 760 27.25 -0.79 13.57
C VAL A 760 25.79 -1.08 13.29
N ILE A 761 25.42 -1.17 12.01
CA ILE A 761 24.05 -1.40 11.59
C ILE A 761 24.02 -2.56 10.61
N GLU A 762 22.95 -3.36 10.67
CA GLU A 762 22.68 -4.40 9.69
C GLU A 762 21.21 -4.34 9.31
N MET A 763 20.92 -4.52 8.04
CA MET A 763 19.55 -4.52 7.53
C MET A 763 19.19 -5.94 7.11
N ALA A 764 18.33 -6.59 7.89
CA ALA A 764 17.94 -7.96 7.58
C ALA A 764 17.14 -7.99 6.28
N ARG A 765 17.38 -9.02 5.48
CA ARG A 765 16.66 -9.16 4.22
C ARG A 765 15.18 -9.37 4.48
N GLU A 766 14.34 -8.69 3.70
CA GLU A 766 12.90 -8.77 3.88
C GLU A 766 12.39 -10.14 3.42
N ASN A 767 12.32 -11.08 4.35
CA ASN A 767 11.95 -12.45 4.02
C ASN A 767 10.47 -12.55 3.65
N THR A 924 25.19 -3.72 -0.69
CA THR A 924 25.00 -3.09 -1.99
C THR A 924 23.64 -2.41 -2.08
N ARG A 925 22.84 -2.57 -1.03
CA ARG A 925 21.54 -1.93 -0.98
C ARG A 925 21.68 -0.46 -0.64
N GLN A 926 21.08 0.40 -1.47
CA GLN A 926 21.27 1.84 -1.32
C GLN A 926 20.55 2.36 -0.08
N ILE A 927 19.50 1.66 0.36
CA ILE A 927 18.76 2.08 1.55
C ILE A 927 19.67 2.03 2.78
N THR A 928 20.58 1.05 2.82
CA THR A 928 21.55 1.01 3.90
C THR A 928 22.44 2.25 3.89
N LYS A 929 22.87 2.68 2.70
CA LYS A 929 23.69 3.90 2.61
C LYS A 929 22.88 5.12 3.04
N HIS A 930 21.59 5.16 2.70
CA HIS A 930 20.76 6.28 3.14
C HIS A 930 20.65 6.31 4.66
N VAL A 931 20.45 5.14 5.28
CA VAL A 931 20.39 5.08 6.74
C VAL A 931 21.71 5.52 7.35
N ALA A 932 22.82 5.08 6.75
CA ALA A 932 24.14 5.49 7.23
C ALA A 932 24.30 7.00 7.15
N GLN A 933 23.87 7.60 6.03
CA GLN A 933 23.98 9.04 5.87
C GLN A 933 23.11 9.78 6.88
N ILE A 934 21.91 9.27 7.14
CA ILE A 934 21.03 9.88 8.13
C ILE A 934 21.68 9.85 9.51
N LEU A 935 22.22 8.69 9.89
CA LEU A 935 22.86 8.57 11.20
C LEU A 935 24.06 9.50 11.30
N ASP A 936 24.86 9.58 10.23
CA ASP A 936 26.00 10.49 10.24
C ASP A 936 25.56 11.94 10.37
N SER A 937 24.48 12.31 9.67
CA SER A 937 23.98 13.67 9.76
C SER A 937 23.49 13.99 11.16
N ARG A 938 22.80 13.06 11.81
CA ARG A 938 22.34 13.33 13.17
C ARG A 938 23.46 13.32 14.19
N MET A 939 24.50 12.53 13.98
CA MET A 939 25.57 12.42 14.97
C MET A 939 26.70 13.41 14.71
N ASN A 940 27.23 13.46 13.49
CA ASN A 940 28.30 14.37 13.13
C ASN A 940 27.66 15.66 12.62
N THR A 941 27.68 16.70 13.46
CA THR A 941 27.05 17.97 13.14
C THR A 941 28.00 19.17 13.26
N LYS A 942 29.26 18.94 13.62
CA LYS A 942 30.19 20.03 13.86
C LYS A 942 31.19 20.16 12.71
N TYR A 943 31.33 21.38 12.20
CA TYR A 943 32.27 21.69 11.14
C TYR A 943 33.57 22.20 11.73
N ASP A 944 34.68 21.85 11.09
CA ASP A 944 35.98 22.32 11.54
C ASP A 944 36.25 23.73 11.03
N GLU A 945 37.50 24.18 11.19
CA GLU A 945 37.88 25.51 10.75
C GLU A 945 37.83 25.66 9.24
N ASN A 946 38.04 24.57 8.49
CA ASN A 946 38.01 24.60 7.04
C ASN A 946 36.65 24.23 6.47
N ASP A 947 35.58 24.46 7.24
CA ASP A 947 34.20 24.17 6.82
C ASP A 947 33.99 22.69 6.54
N LYS A 948 34.84 21.83 7.10
CA LYS A 948 34.73 20.39 6.91
C LYS A 948 34.12 19.76 8.16
N LEU A 949 33.15 18.87 7.96
CA LEU A 949 32.47 18.22 9.07
C LEU A 949 33.43 17.31 9.81
N ILE A 950 33.41 17.37 11.14
CA ILE A 950 34.24 16.52 11.98
C ILE A 950 33.46 15.23 12.23
N ARG A 951 34.00 14.11 11.75
CA ARG A 951 33.33 12.82 11.89
C ARG A 951 33.83 12.17 13.19
N GLU A 952 33.23 12.57 14.31
CA GLU A 952 33.51 11.92 15.57
C GLU A 952 32.82 10.56 15.66
N VAL A 953 31.90 10.27 14.75
CA VAL A 953 31.17 9.01 14.71
C VAL A 953 31.42 8.35 13.37
N LYS A 954 31.89 7.10 13.40
CA LYS A 954 32.11 6.32 12.19
C LYS A 954 30.92 5.38 12.01
N VAL A 955 30.36 5.38 10.80
CA VAL A 955 29.20 4.56 10.48
C VAL A 955 29.69 3.31 9.77
N ILE A 956 29.16 2.16 10.18
CA ILE A 956 29.67 0.85 9.76
C ILE A 956 28.55 0.07 9.11
N THR A 957 28.82 -0.51 7.95
CA THR A 957 27.88 -1.39 7.26
C THR A 957 28.52 -2.76 7.09
N LEU A 958 27.79 -3.82 7.42
CA LEU A 958 28.30 -5.17 7.40
C LEU A 958 27.36 -6.10 6.65
N LYS A 959 27.82 -7.33 6.44
CA LYS A 959 27.04 -8.37 5.78
C LYS A 959 26.63 -9.42 6.80
N SER A 960 25.41 -9.93 6.65
CA SER A 960 24.92 -10.98 7.56
C SER A 960 25.72 -12.26 7.43
N LYS A 961 26.36 -12.49 6.28
CA LYS A 961 27.13 -13.70 6.07
C LYS A 961 28.28 -13.82 7.07
N LEU A 962 28.98 -12.71 7.33
CA LEU A 962 30.11 -12.75 8.24
C LEU A 962 29.67 -13.11 9.65
N VAL A 963 28.59 -12.50 10.12
CA VAL A 963 28.11 -12.79 11.48
C VAL A 963 27.56 -14.20 11.57
N SER A 964 26.90 -14.68 10.50
CA SER A 964 26.40 -16.05 10.50
C SER A 964 27.55 -17.04 10.59
N ASP A 965 28.64 -16.80 9.85
CA ASP A 965 29.80 -17.67 9.93
C ASP A 965 30.47 -17.55 11.30
N PHE A 966 30.46 -16.35 11.89
CA PHE A 966 30.98 -16.19 13.24
C PHE A 966 30.20 -17.05 14.23
N ARG A 967 28.87 -17.07 14.10
CA ARG A 967 28.06 -17.93 14.94
C ARG A 967 28.36 -19.40 14.71
N LYS A 968 28.47 -19.81 13.44
CA LYS A 968 28.69 -21.22 13.13
C LYS A 968 30.07 -21.69 13.60
N ASP A 969 31.05 -20.79 13.60
CA ASP A 969 32.41 -21.20 13.91
C ASP A 969 32.62 -21.44 15.40
N PHE A 970 31.90 -20.71 16.25
CA PHE A 970 32.15 -20.75 17.69
C PHE A 970 30.95 -21.23 18.49
N GLN A 971 30.10 -22.08 17.88
CA GLN A 971 29.02 -22.78 18.59
C GLN A 971 28.00 -21.83 19.20
N PHE A 972 28.02 -20.56 18.81
CA PHE A 972 27.08 -19.58 19.34
C PHE A 972 25.82 -19.54 18.47
N TYR A 973 25.05 -20.62 18.56
CA TYR A 973 23.89 -20.79 17.71
C TYR A 973 22.70 -19.98 18.24
N LYS A 974 21.73 -19.74 17.37
CA LYS A 974 20.50 -19.06 17.74
C LYS A 974 19.31 -19.83 17.19
N VAL A 975 18.20 -19.78 17.92
CA VAL A 975 16.95 -20.42 17.52
C VAL A 975 15.86 -19.35 17.56
N ARG A 976 15.22 -19.12 16.40
CA ARG A 976 14.18 -18.10 16.35
C ARG A 976 12.89 -18.57 17.01
N GLU A 977 12.77 -19.85 17.33
CA GLU A 977 11.52 -20.37 17.87
C GLU A 977 11.50 -20.41 19.39
N ILE A 978 12.61 -20.14 20.06
CA ILE A 978 12.62 -20.16 21.51
C ILE A 978 12.05 -18.86 22.08
N ASN A 979 12.72 -17.74 21.82
CA ASN A 979 12.31 -16.46 22.39
C ASN A 979 12.84 -15.34 21.50
N ASN A 980 12.64 -14.10 21.95
CA ASN A 980 12.97 -12.92 21.17
C ASN A 980 14.33 -12.31 21.54
N TYR A 981 15.12 -12.99 22.37
CA TYR A 981 16.45 -12.49 22.69
C TYR A 981 17.37 -12.53 21.48
N HIS A 982 16.97 -13.27 20.44
CA HIS A 982 17.83 -13.48 19.29
C HIS A 982 18.16 -12.19 18.56
N HIS A 983 17.20 -11.27 18.43
CA HIS A 983 17.49 -10.00 17.77
C HIS A 983 18.54 -9.21 18.54
N ALA A 984 18.40 -9.14 19.85
CA ALA A 984 19.38 -8.43 20.66
C ALA A 984 20.76 -9.08 20.57
N HIS A 985 20.82 -10.40 20.63
CA HIS A 985 22.10 -11.08 20.53
C HIS A 985 22.73 -10.86 19.16
N ASP A 986 21.91 -10.88 18.10
CA ASP A 986 22.44 -10.65 16.76
C ASP A 986 22.99 -9.24 16.62
N ALA A 987 22.29 -8.24 17.17
CA ALA A 987 22.82 -6.87 17.14
C ALA A 987 24.12 -6.77 17.93
N TYR A 988 24.18 -7.42 19.09
CA TYR A 988 25.39 -7.42 19.88
C TYR A 988 26.56 -8.00 19.10
N LEU A 989 26.33 -9.13 18.43
CA LEU A 989 27.37 -9.73 17.62
C LEU A 989 27.76 -8.84 16.45
N ASN A 990 26.78 -8.18 15.82
CA ASN A 990 27.09 -7.24 14.75
C ASN A 990 28.06 -6.17 15.23
N ALA A 991 27.75 -5.55 16.37
CA ALA A 991 28.62 -4.50 16.89
C ALA A 991 30.00 -5.03 17.22
N VAL A 992 30.06 -6.20 17.87
CA VAL A 992 31.35 -6.76 18.27
C VAL A 992 32.20 -7.05 17.04
N VAL A 993 31.62 -7.68 16.03
CA VAL A 993 32.37 -8.03 14.83
C VAL A 993 32.84 -6.77 14.11
N GLY A 994 31.97 -5.77 13.99
CA GLY A 994 32.39 -4.53 13.34
C GLY A 994 33.54 -3.86 14.05
N THR A 995 33.44 -3.75 15.38
CA THR A 995 34.54 -3.13 16.14
C THR A 995 35.82 -3.92 16.01
N ALA A 996 35.74 -5.25 16.09
CA ALA A 996 36.94 -6.07 15.97
C ALA A 996 37.59 -5.91 14.61
N LEU A 997 36.78 -5.95 13.53
CA LEU A 997 37.34 -5.83 12.20
C LEU A 997 37.99 -4.46 11.99
N ILE A 998 37.35 -3.40 12.49
CA ILE A 998 37.93 -2.07 12.29
C ILE A 998 39.20 -1.90 13.12
N LYS A 999 39.20 -2.39 14.37
CA LYS A 999 40.40 -2.29 15.19
C LYS A 999 41.53 -3.14 14.62
N LYS A 1000 41.20 -4.21 13.90
CA LYS A 1000 42.20 -5.05 13.27
C LYS A 1000 42.22 -4.81 11.76
N ASP A 1075 41.98 -10.98 21.92
CA ASP A 1075 42.27 -11.91 23.00
C ASP A 1075 41.20 -12.99 22.99
N LYS A 1076 41.51 -14.13 22.37
CA LYS A 1076 40.54 -15.21 22.25
C LYS A 1076 40.32 -15.91 23.59
N GLY A 1077 41.17 -15.64 24.57
CA GLY A 1077 40.99 -16.21 25.89
C GLY A 1077 39.96 -15.45 26.71
N ARG A 1078 39.89 -14.13 26.51
CA ARG A 1078 39.03 -13.29 27.33
C ARG A 1078 37.75 -12.90 26.59
N ASP A 1079 37.87 -12.55 25.30
CA ASP A 1079 36.72 -12.09 24.54
C ASP A 1079 35.66 -13.17 24.39
N PHE A 1080 36.07 -14.41 24.13
CA PHE A 1080 35.10 -15.49 23.98
C PHE A 1080 34.38 -15.77 25.29
N ALA A 1081 35.11 -15.70 26.41
CA ALA A 1081 34.47 -15.86 27.71
C ALA A 1081 33.46 -14.73 27.96
N THR A 1082 33.81 -13.51 27.58
CA THR A 1082 32.88 -12.40 27.72
C THR A 1082 31.62 -12.63 26.89
N VAL A 1083 31.80 -13.10 25.65
CA VAL A 1083 30.65 -13.37 24.79
C VAL A 1083 29.78 -14.45 25.40
N ARG A 1084 30.40 -15.51 25.92
CA ARG A 1084 29.64 -16.60 26.51
C ARG A 1084 28.85 -16.13 27.71
N LYS A 1085 29.45 -15.26 28.54
CA LYS A 1085 28.72 -14.70 29.67
C LYS A 1085 27.56 -13.84 29.20
N VAL A 1086 27.77 -13.01 28.18
CA VAL A 1086 26.73 -12.09 27.73
C VAL A 1086 25.54 -12.86 27.15
N LEU A 1087 25.82 -13.87 26.32
CA LEU A 1087 24.75 -14.57 25.62
C LEU A 1087 23.79 -15.29 26.56
N SER A 1088 24.23 -15.66 27.76
CA SER A 1088 23.37 -16.35 28.72
C SER A 1088 22.68 -15.39 29.68
N MET A 1089 22.82 -14.09 29.48
CA MET A 1089 22.21 -13.11 30.37
C MET A 1089 20.69 -13.18 30.26
N PRO A 1090 19.97 -13.35 31.38
CA PRO A 1090 18.51 -13.45 31.30
C PRO A 1090 17.80 -12.11 31.18
N GLN A 1091 18.31 -11.05 31.82
CA GLN A 1091 17.63 -9.76 31.85
C GLN A 1091 17.85 -9.07 30.51
N VAL A 1092 16.91 -9.25 29.59
CA VAL A 1092 16.93 -8.60 28.30
C VAL A 1092 15.62 -7.85 28.13
N ASN A 1093 15.70 -6.52 28.05
CA ASN A 1093 14.52 -5.67 28.02
C ASN A 1093 13.84 -5.82 26.67
N ILE A 1094 12.71 -6.52 26.64
CA ILE A 1094 11.92 -6.68 25.44
C ILE A 1094 10.59 -5.97 25.66
N VAL A 1095 10.29 -4.99 24.81
CA VAL A 1095 9.12 -4.15 24.99
C VAL A 1095 8.26 -4.24 23.74
N LYS A 1096 6.97 -4.51 23.93
CA LYS A 1096 6.00 -4.50 22.84
C LYS A 1096 5.59 -3.06 22.61
N LYS A 1097 5.80 -2.56 21.39
CA LYS A 1097 5.50 -1.17 21.09
C LYS A 1097 4.01 -0.90 21.25
N THR A 1098 3.67 -0.14 22.29
CA THR A 1098 2.29 0.25 22.50
C THR A 1098 1.82 1.12 21.34
N GLU A 1099 0.64 0.81 20.82
CA GLU A 1099 0.13 1.48 19.62
C GLU A 1099 -1.36 1.71 19.77
N VAL A 1100 -1.88 2.71 19.06
CA VAL A 1100 -3.32 2.94 19.00
C VAL A 1100 -3.86 2.35 17.72
N GLN A 1101 -4.77 1.39 17.84
CA GLN A 1101 -5.31 0.70 16.67
C GLN A 1101 -6.18 1.61 15.85
N THR A 1102 -5.96 1.59 14.53
CA THR A 1102 -6.75 2.33 13.57
C THR A 1102 -7.17 1.38 12.45
N GLY A 1103 -7.95 1.92 11.52
CA GLY A 1103 -8.44 1.10 10.42
C GLY A 1103 -9.95 1.09 10.34
N GLY A 1104 -10.51 -0.04 9.91
CA GLY A 1104 -11.95 -0.13 9.77
C GLY A 1104 -12.64 -0.09 11.12
N PHE A 1105 -13.87 0.45 11.13
CA PHE A 1105 -14.65 0.47 12.35
C PHE A 1105 -14.94 -0.95 12.84
N SER A 1106 -15.22 -1.87 11.93
CA SER A 1106 -15.53 -3.24 12.30
C SER A 1106 -15.37 -4.12 11.07
N LYS A 1107 -15.74 -5.39 11.21
CA LYS A 1107 -15.70 -6.31 10.09
C LYS A 1107 -16.69 -5.86 9.02
N GLU A 1108 -16.32 -6.10 7.76
CA GLU A 1108 -17.15 -5.67 6.64
C GLU A 1108 -18.27 -6.65 6.32
N SER A 1109 -18.27 -7.84 6.91
CA SER A 1109 -19.31 -8.82 6.64
C SER A 1109 -20.56 -8.48 7.43
N ILE A 1110 -21.62 -8.09 6.75
CA ILE A 1110 -22.86 -7.69 7.41
C ILE A 1110 -23.63 -8.94 7.81
N LEU A 1111 -23.93 -9.07 9.12
CA LEU A 1111 -24.53 -10.28 9.65
C LEU A 1111 -26.02 -10.11 9.84
N PRO A 1112 -26.78 -11.21 9.79
CA PRO A 1112 -28.24 -11.12 9.89
C PRO A 1112 -28.70 -10.63 11.25
N LYS A 1113 -29.97 -10.23 11.31
CA LYS A 1113 -30.54 -9.68 12.54
C LYS A 1113 -30.58 -10.75 13.62
N ARG A 1114 -30.40 -10.31 14.87
CA ARG A 1114 -30.48 -11.18 16.02
C ARG A 1114 -30.55 -10.34 17.28
N ASN A 1115 -31.29 -10.84 18.26
CA ASN A 1115 -31.58 -10.09 19.49
C ASN A 1115 -30.32 -10.03 20.34
N SER A 1116 -29.43 -9.11 19.96
CA SER A 1116 -28.20 -8.86 20.70
C SER A 1116 -27.84 -7.40 20.56
N ASP A 1117 -27.61 -6.73 21.69
CA ASP A 1117 -27.24 -5.32 21.66
C ASP A 1117 -25.85 -5.10 21.08
N LYS A 1118 -25.06 -6.15 20.90
CA LYS A 1118 -23.71 -6.03 20.37
C LYS A 1118 -23.68 -5.87 18.85
N LEU A 1119 -24.80 -5.54 18.23
CA LEU A 1119 -24.85 -5.37 16.79
C LEU A 1119 -24.87 -3.88 16.44
N ILE A 1120 -24.05 -3.49 15.48
CA ILE A 1120 -23.83 -2.09 15.13
C ILE A 1120 -24.59 -1.78 13.85
N ALA A 1121 -25.31 -0.65 13.85
CA ALA A 1121 -26.17 -0.29 12.72
C ALA A 1121 -25.36 0.28 11.56
N ARG A 1122 -25.90 0.11 10.35
CA ARG A 1122 -25.28 0.71 9.17
C ARG A 1122 -25.60 2.20 9.06
N LYS A 1123 -26.61 2.68 9.77
CA LYS A 1123 -26.98 4.09 9.78
C LYS A 1123 -27.32 4.53 11.19
N LYS A 1124 -27.55 5.83 11.34
CA LYS A 1124 -27.88 6.39 12.65
C LYS A 1124 -29.26 5.94 13.12
N ASP A 1125 -30.25 5.99 12.22
CA ASP A 1125 -31.64 5.77 12.58
C ASP A 1125 -32.17 4.40 12.18
N TRP A 1126 -31.29 3.40 12.08
CA TRP A 1126 -31.68 2.06 11.66
C TRP A 1126 -31.38 1.10 12.80
N ASP A 1127 -32.42 0.71 13.53
CA ASP A 1127 -32.28 -0.17 14.68
C ASP A 1127 -31.59 -1.47 14.25
N PRO A 1128 -30.45 -1.82 14.86
CA PRO A 1128 -29.75 -3.06 14.45
C PRO A 1128 -30.60 -4.31 14.56
N LYS A 1129 -31.45 -4.43 15.59
CA LYS A 1129 -32.28 -5.62 15.70
C LYS A 1129 -33.24 -5.75 14.53
N LYS A 1130 -33.65 -4.61 13.96
CA LYS A 1130 -34.63 -4.60 12.88
C LYS A 1130 -33.99 -4.61 11.50
N TYR A 1131 -32.69 -4.34 11.39
CA TYR A 1131 -32.03 -4.26 10.10
C TYR A 1131 -30.65 -4.90 10.06
N GLY A 1132 -30.25 -5.62 11.11
CA GLY A 1132 -28.91 -6.20 11.11
C GLY A 1132 -27.85 -5.11 11.03
N GLY A 1133 -26.62 -5.55 10.79
CA GLY A 1133 -25.56 -4.60 10.59
C GLY A 1133 -24.19 -5.16 10.93
N PHE A 1134 -23.28 -4.25 11.25
CA PHE A 1134 -21.88 -4.57 11.49
C PHE A 1134 -21.71 -5.28 12.82
N ASP A 1135 -20.60 -6.02 12.92
CA ASP A 1135 -20.28 -6.78 14.11
C ASP A 1135 -18.78 -6.79 14.32
N SER A 1136 -18.38 -7.07 15.55
CA SER A 1136 -16.99 -7.16 15.98
C SER A 1136 -16.23 -5.86 15.75
N PRO A 1137 -16.58 -4.79 16.47
CA PRO A 1137 -15.79 -3.56 16.36
C PRO A 1137 -14.41 -3.74 16.96
N THR A 1138 -13.46 -2.96 16.47
CA THR A 1138 -12.10 -2.98 17.01
C THR A 1138 -11.92 -1.82 17.98
N VAL A 1139 -11.45 -2.14 19.19
CA VAL A 1139 -11.29 -1.13 20.23
C VAL A 1139 -9.98 -0.39 20.01
N ALA A 1140 -10.05 0.93 19.94
CA ALA A 1140 -8.82 1.73 19.87
C ALA A 1140 -8.03 1.66 21.17
N TYR A 1141 -8.71 1.88 22.30
CA TYR A 1141 -8.10 1.70 23.60
C TYR A 1141 -9.20 1.68 24.65
N SER A 1142 -8.82 1.30 25.86
CA SER A 1142 -9.73 1.26 27.00
C SER A 1142 -9.28 2.27 28.06
N VAL A 1143 -10.26 2.81 28.78
CA VAL A 1143 -10.01 3.81 29.81
C VAL A 1143 -10.54 3.27 31.13
N LEU A 1144 -9.75 3.42 32.18
CA LEU A 1144 -10.15 2.94 33.50
C LEU A 1144 -11.32 3.77 34.02
N VAL A 1145 -12.30 3.11 34.61
CA VAL A 1145 -13.51 3.75 35.09
C VAL A 1145 -13.61 3.52 36.59
N VAL A 1146 -13.76 4.60 37.34
CA VAL A 1146 -13.98 4.55 38.78
C VAL A 1146 -15.26 5.34 39.06
N ALA A 1147 -16.38 4.64 39.14
CA ALA A 1147 -17.68 5.30 39.27
C ALA A 1147 -18.68 4.29 39.82
N LYS A 1148 -19.96 4.68 39.82
CA LYS A 1148 -21.04 3.85 40.33
C LYS A 1148 -22.00 3.51 39.20
N VAL A 1149 -22.45 2.26 39.19
CA VAL A 1149 -23.35 1.74 38.17
C VAL A 1149 -24.58 1.15 38.82
N GLU A 1150 -25.75 1.49 38.29
CA GLU A 1150 -27.01 0.90 38.74
C GLU A 1150 -27.06 -0.56 38.32
N LYS A 1151 -27.06 -1.46 39.30
CA LYS A 1151 -27.11 -2.89 39.04
C LYS A 1151 -28.39 -3.48 39.59
N GLY A 1152 -28.96 -4.44 38.86
CA GLY A 1152 -30.19 -5.08 39.25
C GLY A 1152 -31.41 -4.30 38.79
N LYS A 1153 -32.57 -4.88 39.07
CA LYS A 1153 -33.83 -4.21 38.74
C LYS A 1153 -34.12 -3.06 39.71
N SER A 1154 -33.47 -3.07 40.87
CA SER A 1154 -33.64 -2.00 41.85
C SER A 1154 -32.86 -0.74 41.49
N LYS A 1155 -31.99 -0.81 40.48
CA LYS A 1155 -31.17 0.33 40.06
C LYS A 1155 -30.33 0.88 41.20
N LYS A 1156 -29.76 -0.02 42.00
CA LYS A 1156 -28.95 0.39 43.13
C LYS A 1156 -27.57 0.83 42.68
N LEU A 1157 -27.10 1.97 43.19
CA LEU A 1157 -25.78 2.46 42.84
C LEU A 1157 -24.71 1.64 43.53
N LYS A 1158 -23.87 0.98 42.75
CA LYS A 1158 -22.78 0.16 43.24
C LYS A 1158 -21.46 0.72 42.77
N SER A 1159 -20.57 1.04 43.72
CA SER A 1159 -19.25 1.52 43.36
C SER A 1159 -18.45 0.38 42.74
N VAL A 1160 -17.99 0.59 41.51
CA VAL A 1160 -17.36 -0.46 40.72
C VAL A 1160 -16.05 0.06 40.15
N LYS A 1161 -15.17 -0.88 39.80
CA LYS A 1161 -13.93 -0.60 39.09
C LYS A 1161 -13.82 -1.60 37.95
N GLU A 1162 -13.74 -1.10 36.71
CA GLU A 1162 -13.73 -1.98 35.56
C GLU A 1162 -13.10 -1.27 34.38
N LEU A 1163 -12.74 -2.06 33.36
CA LEU A 1163 -12.12 -1.54 32.15
C LEU A 1163 -13.19 -1.39 31.07
N LEU A 1164 -13.32 -0.17 30.54
CA LEU A 1164 -14.27 0.11 29.47
C LEU A 1164 -13.50 0.41 28.19
N GLY A 1165 -13.78 -0.37 27.15
CA GLY A 1165 -13.13 -0.18 25.87
C GLY A 1165 -13.80 0.87 25.02
N ILE A 1166 -13.00 1.62 24.27
CA ILE A 1166 -13.52 2.65 23.38
C ILE A 1166 -13.23 2.23 21.94
N THR A 1167 -14.28 2.10 21.13
CA THR A 1167 -14.11 1.69 19.75
C THR A 1167 -13.55 2.85 18.92
N ILE A 1168 -12.95 2.50 17.78
CA ILE A 1168 -12.38 3.50 16.89
C ILE A 1168 -13.45 4.47 16.42
N MET A 1169 -14.66 3.95 16.18
CA MET A 1169 -15.76 4.81 15.74
C MET A 1169 -16.13 5.83 16.82
N GLU A 1170 -15.79 5.55 18.08
CA GLU A 1170 -16.16 6.41 19.19
C GLU A 1170 -15.03 7.28 19.70
N ARG A 1171 -13.87 7.27 19.03
CA ARG A 1171 -12.69 7.92 19.59
C ARG A 1171 -12.87 9.43 19.74
N SER A 1172 -13.35 10.09 18.68
CA SER A 1172 -13.51 11.53 18.73
C SER A 1172 -14.54 11.94 19.78
N SER A 1173 -15.64 11.20 19.86
CA SER A 1173 -16.68 11.51 20.84
C SER A 1173 -16.13 11.43 22.27
N PHE A 1174 -15.32 10.40 22.55
CA PHE A 1174 -14.78 10.26 23.90
C PHE A 1174 -13.75 11.34 24.19
N GLU A 1175 -12.83 11.58 23.26
CA GLU A 1175 -11.76 12.54 23.54
C GLU A 1175 -12.26 13.97 23.55
N LYS A 1176 -13.43 14.24 22.95
CA LYS A 1176 -13.96 15.60 22.97
C LYS A 1176 -14.34 16.01 24.40
N ASN A 1177 -15.10 15.16 25.09
CA ASN A 1177 -15.46 15.41 26.48
C ASN A 1177 -15.75 14.06 27.13
N PRO A 1178 -14.78 13.50 27.84
CA PRO A 1178 -14.99 12.16 28.42
C PRO A 1178 -16.16 12.09 29.39
N ILE A 1179 -16.43 13.17 30.11
CA ILE A 1179 -17.46 13.13 31.16
C ILE A 1179 -18.83 12.84 30.54
N ASP A 1180 -19.20 13.60 29.50
CA ASP A 1180 -20.50 13.39 28.89
C ASP A 1180 -20.62 12.01 28.27
N PHE A 1181 -19.55 11.56 27.59
CA PHE A 1181 -19.58 10.25 26.94
C PHE A 1181 -19.74 9.15 27.98
N LEU A 1182 -19.07 9.27 29.12
CA LEU A 1182 -19.24 8.28 30.18
C LEU A 1182 -20.64 8.36 30.78
N GLU A 1183 -21.19 9.57 30.90
CA GLU A 1183 -22.56 9.71 31.40
C GLU A 1183 -23.54 9.00 30.48
N ALA A 1184 -23.32 9.09 29.17
CA ALA A 1184 -24.18 8.35 28.24
C ALA A 1184 -24.08 6.85 28.44
N LYS A 1185 -22.91 6.35 28.85
CA LYS A 1185 -22.73 4.94 29.12
C LYS A 1185 -23.40 4.48 30.40
N GLY A 1186 -23.92 5.41 31.20
CA GLY A 1186 -24.61 5.07 32.43
C GLY A 1186 -23.77 5.19 33.69
N TYR A 1187 -22.48 5.47 33.58
CA TYR A 1187 -21.64 5.66 34.74
C TYR A 1187 -22.01 6.96 35.45
N LYS A 1188 -21.99 6.92 36.78
CA LYS A 1188 -22.43 8.04 37.60
C LYS A 1188 -21.33 8.41 38.60
N GLU A 1189 -21.22 9.70 38.88
CA GLU A 1189 -20.17 10.23 39.75
C GLU A 1189 -18.79 9.87 39.23
N VAL A 1190 -18.50 10.36 38.02
CA VAL A 1190 -17.23 10.06 37.37
C VAL A 1190 -16.09 10.78 38.09
N LYS A 1191 -14.99 10.07 38.31
CA LYS A 1191 -13.79 10.67 38.89
C LYS A 1191 -12.82 10.95 37.74
N LYS A 1192 -12.79 12.21 37.30
CA LYS A 1192 -12.08 12.57 36.08
C LYS A 1192 -10.57 12.37 36.20
N ASP A 1193 -9.99 12.77 37.32
CA ASP A 1193 -8.53 12.74 37.45
C ASP A 1193 -7.97 11.33 37.45
N LEU A 1194 -8.80 10.31 37.65
CA LEU A 1194 -8.34 8.93 37.71
C LEU A 1194 -8.29 8.27 36.35
N ILE A 1195 -8.78 8.93 35.30
CA ILE A 1195 -8.88 8.33 33.98
C ILE A 1195 -7.47 8.25 33.38
N ILE A 1196 -7.02 7.03 33.10
CA ILE A 1196 -5.69 6.77 32.56
C ILE A 1196 -5.84 6.05 31.24
N LYS A 1197 -5.21 6.58 30.20
CA LYS A 1197 -5.25 5.97 28.87
C LYS A 1197 -4.45 4.68 28.88
N LEU A 1198 -5.07 3.60 28.38
CA LEU A 1198 -4.45 2.27 28.37
C LEU A 1198 -4.53 1.70 26.96
N PRO A 1199 -3.58 2.07 26.09
CA PRO A 1199 -3.63 1.58 24.70
C PRO A 1199 -3.37 0.08 24.62
N LYS A 1200 -3.41 -0.43 23.39
CA LYS A 1200 -3.15 -1.84 23.16
C LYS A 1200 -1.69 -2.15 23.51
N TYR A 1201 -1.46 -3.37 24.00
CA TYR A 1201 -0.17 -3.83 24.51
C TYR A 1201 0.31 -3.02 25.71
N SER A 1202 -0.59 -2.43 26.48
CA SER A 1202 -0.23 -1.91 27.78
C SER A 1202 0.09 -3.06 28.71
N LEU A 1203 1.19 -2.95 29.45
CA LEU A 1203 1.72 -4.06 30.22
C LEU A 1203 1.32 -3.93 31.69
N PHE A 1204 0.85 -5.04 32.27
CA PHE A 1204 0.50 -5.11 33.67
C PHE A 1204 1.36 -6.17 34.35
N GLU A 1205 1.60 -5.99 35.65
CA GLU A 1205 2.46 -6.88 36.43
C GLU A 1205 1.64 -7.60 37.48
N LEU A 1206 1.87 -8.91 37.60
CA LEU A 1206 1.16 -9.72 38.59
C LEU A 1206 2.14 -10.43 39.50
N GLU A 1207 1.64 -11.25 40.41
CA GLU A 1207 2.49 -11.92 41.39
C GLU A 1207 3.41 -12.93 40.71
N ASN A 1208 4.49 -13.28 41.41
CA ASN A 1208 5.46 -14.28 40.95
C ASN A 1208 6.11 -13.86 39.62
N GLY A 1209 6.06 -12.56 39.32
CA GLY A 1209 6.63 -12.06 38.08
C GLY A 1209 5.80 -12.31 36.85
N ARG A 1210 4.60 -12.86 37.00
CA ARG A 1210 3.73 -13.11 35.85
C ARG A 1210 3.24 -11.80 35.25
N LYS A 1211 3.31 -11.69 33.93
CA LYS A 1211 2.96 -10.47 33.23
C LYS A 1211 1.93 -10.77 32.14
N ARG A 1212 1.03 -9.80 31.93
CA ARG A 1212 0.02 -9.87 30.89
C ARG A 1212 0.04 -8.58 30.08
N MET A 1213 -0.17 -8.71 28.78
CA MET A 1213 -0.29 -7.57 27.87
C MET A 1213 -1.74 -7.38 27.48
N LEU A 1214 -2.23 -6.16 27.61
CA LEU A 1214 -3.63 -5.87 27.35
C LEU A 1214 -3.88 -5.89 25.84
N ALA A 1215 -4.33 -7.04 25.33
CA ALA A 1215 -4.65 -7.16 23.91
C ALA A 1215 -5.89 -6.38 23.54
N SER A 1216 -6.90 -6.34 24.41
CA SER A 1216 -8.11 -5.58 24.18
C SER A 1216 -8.80 -5.36 25.52
N ALA A 1217 -10.02 -4.84 25.46
CA ALA A 1217 -10.79 -4.58 26.67
C ALA A 1217 -11.21 -5.86 27.38
N GLY A 1218 -11.13 -7.01 26.71
CA GLY A 1218 -11.59 -8.24 27.32
C GLY A 1218 -10.69 -9.44 27.12
N GLU A 1219 -9.48 -9.23 26.61
CA GLU A 1219 -8.57 -10.33 26.35
C GLU A 1219 -7.14 -9.90 26.61
N LEU A 1220 -6.34 -10.83 27.14
CA LEU A 1220 -4.95 -10.61 27.48
C LEU A 1220 -4.06 -11.51 26.65
N GLN A 1221 -2.76 -11.20 26.64
CA GLN A 1221 -1.74 -12.03 26.03
C GLN A 1221 -0.63 -12.32 27.02
N LYS A 1222 0.15 -13.35 26.71
CA LYS A 1222 1.26 -13.73 27.56
C LYS A 1222 2.34 -12.66 27.56
N GLY A 1223 2.90 -12.40 28.73
CA GLY A 1223 3.89 -11.35 28.87
C GLY A 1223 5.22 -11.80 29.44
N ASN A 1224 5.57 -13.06 29.26
CA ASN A 1224 6.80 -13.61 29.82
C ASN A 1224 7.56 -14.43 28.78
N GLU A 1225 8.88 -14.43 28.91
CA GLU A 1225 9.77 -15.12 27.98
C GLU A 1225 10.50 -16.25 28.69
N LEU A 1226 10.71 -17.35 27.97
CA LEU A 1226 11.46 -18.48 28.52
C LEU A 1226 12.95 -18.20 28.37
N ALA A 1227 13.63 -18.01 29.50
CA ALA A 1227 15.07 -17.78 29.51
C ALA A 1227 15.79 -19.13 29.52
N LEU A 1228 15.90 -19.75 28.35
CA LEU A 1228 16.51 -21.07 28.25
C LEU A 1228 18.02 -20.94 28.25
N PRO A 1229 18.72 -21.64 29.14
CA PRO A 1229 20.18 -21.52 29.20
C PRO A 1229 20.84 -21.90 27.88
N SER A 1230 22.02 -21.30 27.65
CA SER A 1230 22.68 -21.38 26.34
C SER A 1230 23.02 -22.81 25.95
N LYS A 1231 23.48 -23.63 26.90
CA LYS A 1231 23.88 -24.99 26.57
C LYS A 1231 22.71 -25.79 26.03
N TYR A 1232 21.52 -25.61 26.62
CA TYR A 1232 20.33 -26.26 26.10
C TYR A 1232 19.99 -25.77 24.69
N VAL A 1233 20.17 -24.47 24.43
CA VAL A 1233 19.91 -23.94 23.09
C VAL A 1233 20.86 -24.57 22.08
N ASN A 1234 22.14 -24.68 22.43
CA ASN A 1234 23.10 -25.30 21.53
C ASN A 1234 22.77 -26.77 21.30
N PHE A 1235 22.35 -27.47 22.36
CA PHE A 1235 21.97 -28.87 22.22
C PHE A 1235 20.77 -29.00 21.28
N LEU A 1236 19.79 -28.12 21.43
CA LEU A 1236 18.62 -28.15 20.55
C LEU A 1236 19.02 -27.87 19.10
N TYR A 1237 19.90 -26.90 18.89
CA TYR A 1237 20.35 -26.59 17.54
C TYR A 1237 21.05 -27.78 16.91
N LEU A 1238 21.96 -28.42 17.67
CA LEU A 1238 22.69 -29.57 17.15
C LEU A 1238 21.76 -30.73 16.85
N ALA A 1239 20.81 -30.99 17.74
CA ALA A 1239 19.86 -32.08 17.51
C ALA A 1239 18.98 -31.81 16.29
N SER A 1240 18.55 -30.55 16.13
CA SER A 1240 17.72 -30.18 14.99
C SER A 1240 18.47 -30.34 13.67
N HIS A 1241 19.74 -29.92 13.61
CA HIS A 1241 20.56 -30.06 12.41
C HIS A 1241 21.42 -31.30 12.45
N TYR A 1242 21.01 -32.34 13.20
CA TYR A 1242 21.83 -33.52 13.38
C TYR A 1242 22.12 -34.20 12.05
N GLU A 1243 21.11 -34.31 11.20
CA GLU A 1243 21.26 -34.94 9.89
C GLU A 1243 21.54 -33.92 8.78
N LYS A 1244 21.66 -32.64 9.10
CA LYS A 1244 21.88 -31.60 8.11
C LYS A 1244 23.14 -30.78 8.41
N LEU A 1245 24.11 -31.37 9.10
CA LEU A 1245 25.34 -30.65 9.42
C LEU A 1245 26.12 -30.33 8.15
N LYS A 1246 26.61 -29.10 8.08
CA LYS A 1246 27.40 -28.61 6.95
C LYS A 1246 28.79 -28.27 7.47
N GLY A 1247 29.68 -29.27 7.51
CA GLY A 1247 31.01 -29.07 8.03
C GLY A 1247 31.89 -30.27 7.80
N SER A 1248 33.08 -30.23 8.39
CA SER A 1248 34.03 -31.30 8.21
C SER A 1248 33.53 -32.57 8.90
N PRO A 1249 33.92 -33.75 8.40
CA PRO A 1249 33.46 -35.00 9.03
C PRO A 1249 33.87 -35.14 10.49
N GLU A 1250 35.06 -34.65 10.87
CA GLU A 1250 35.51 -34.77 12.25
C GLU A 1250 34.68 -33.88 13.17
N ASP A 1251 34.40 -32.65 12.75
CA ASP A 1251 33.55 -31.77 13.56
C ASP A 1251 32.14 -32.33 13.69
N ASN A 1252 31.59 -32.87 12.60
CA ASN A 1252 30.26 -33.48 12.66
C ASN A 1252 30.25 -34.68 13.59
N GLU A 1253 31.29 -35.51 13.53
CA GLU A 1253 31.38 -36.66 14.43
C GLU A 1253 31.47 -36.22 15.88
N GLN A 1254 32.26 -35.19 16.16
CA GLN A 1254 32.37 -34.68 17.52
C GLN A 1254 31.03 -34.16 18.03
N LYS A 1255 30.32 -33.40 17.20
CA LYS A 1255 29.02 -32.89 17.61
C LYS A 1255 28.02 -34.02 17.83
N GLN A 1256 28.04 -35.04 16.95
CA GLN A 1256 27.13 -36.16 17.11
C GLN A 1256 27.43 -36.93 18.39
N LEU A 1257 28.71 -37.12 18.71
CA LEU A 1257 29.08 -37.78 19.96
C LEU A 1257 28.65 -36.96 21.17
N PHE A 1258 28.80 -35.63 21.09
CA PHE A 1258 28.36 -34.76 22.18
C PHE A 1258 26.85 -34.88 22.38
N VAL A 1259 26.09 -34.93 21.28
CA VAL A 1259 24.65 -35.10 21.37
C VAL A 1259 24.32 -36.45 22.00
N GLU A 1260 25.04 -37.50 21.60
CA GLU A 1260 24.82 -38.82 22.18
C GLU A 1260 25.07 -38.82 23.68
N GLN A 1261 26.13 -38.12 24.11
CA GLN A 1261 26.46 -38.09 25.53
C GLN A 1261 25.38 -37.42 26.37
N HIS A 1262 24.82 -36.32 25.89
CA HIS A 1262 23.94 -35.47 26.69
C HIS A 1262 22.46 -35.66 26.34
N LYS A 1263 22.04 -36.89 26.08
CA LYS A 1263 20.64 -37.15 25.75
C LYS A 1263 19.72 -36.85 26.93
N HIS A 1264 20.26 -36.77 28.14
CA HIS A 1264 19.46 -36.46 29.32
C HIS A 1264 18.92 -35.04 29.30
N TYR A 1265 19.42 -34.19 28.41
CA TYR A 1265 18.92 -32.81 28.32
C TYR A 1265 17.44 -32.75 28.00
N LEU A 1266 16.88 -33.79 27.38
CA LEU A 1266 15.47 -33.78 27.01
C LEU A 1266 14.59 -33.63 28.25
N ASP A 1267 14.88 -34.44 29.28
CA ASP A 1267 14.08 -34.39 30.50
C ASP A 1267 14.17 -33.02 31.17
N GLU A 1268 15.38 -32.44 31.19
CA GLU A 1268 15.55 -31.14 31.82
C GLU A 1268 14.77 -30.07 31.08
N ILE A 1269 14.80 -30.10 29.74
CA ILE A 1269 14.04 -29.12 28.97
C ILE A 1269 12.56 -29.28 29.21
N ILE A 1270 12.06 -30.51 29.24
CA ILE A 1270 10.65 -30.74 29.48
C ILE A 1270 10.26 -30.24 30.86
N GLU A 1271 11.10 -30.52 31.86
CA GLU A 1271 10.81 -30.08 33.23
C GLU A 1271 10.80 -28.56 33.33
N GLN A 1272 11.74 -27.90 32.65
CA GLN A 1272 11.77 -26.44 32.67
C GLN A 1272 10.54 -25.86 32.00
N ILE A 1273 10.11 -26.47 30.89
CA ILE A 1273 8.89 -26.02 30.23
C ILE A 1273 7.70 -26.17 31.15
N SER A 1274 7.61 -27.30 31.85
CA SER A 1274 6.49 -27.53 32.77
C SER A 1274 6.51 -26.51 33.90
N GLU A 1275 7.68 -26.23 34.46
CA GLU A 1275 7.78 -25.29 35.56
C GLU A 1275 7.39 -23.89 35.11
N PHE A 1276 7.87 -23.48 33.93
CA PHE A 1276 7.51 -22.17 33.38
C PHE A 1276 6.01 -22.08 33.17
N SER A 1277 5.41 -23.14 32.62
CA SER A 1277 3.97 -23.16 32.37
C SER A 1277 3.19 -23.04 33.67
N LYS A 1278 3.59 -23.81 34.69
CA LYS A 1278 2.90 -23.73 35.96
C LYS A 1278 3.05 -22.35 36.60
N ARG A 1279 4.23 -21.73 36.42
CA ARG A 1279 4.47 -20.47 37.11
C ARG A 1279 3.73 -19.30 36.46
N VAL A 1280 3.69 -19.24 35.13
CA VAL A 1280 3.16 -18.05 34.48
C VAL A 1280 2.09 -18.31 33.44
N ILE A 1281 1.85 -19.54 32.99
CA ILE A 1281 0.95 -19.73 31.85
C ILE A 1281 -0.45 -20.13 32.32
N LEU A 1282 -0.55 -21.01 33.30
CA LEU A 1282 -1.83 -21.51 33.80
C LEU A 1282 -2.62 -22.20 32.70
N ALA A 1283 -2.06 -23.31 32.22
CA ALA A 1283 -2.63 -24.10 31.13
C ALA A 1283 -2.69 -25.57 31.54
N ASP A 1284 -3.25 -25.80 32.73
CA ASP A 1284 -3.17 -27.10 33.40
C ASP A 1284 -3.57 -28.25 32.48
N ALA A 1285 -4.72 -28.11 31.81
CA ALA A 1285 -5.17 -29.19 30.93
C ALA A 1285 -4.20 -29.42 29.78
N ASN A 1286 -3.82 -28.36 29.07
CA ASN A 1286 -2.88 -28.50 27.97
C ASN A 1286 -1.51 -28.97 28.45
N LEU A 1287 -1.08 -28.49 29.62
CA LEU A 1287 0.19 -28.94 30.16
C LEU A 1287 0.17 -30.44 30.46
N ASP A 1288 -0.93 -30.93 31.04
CA ASP A 1288 -1.05 -32.35 31.31
C ASP A 1288 -1.07 -33.15 30.02
N LYS A 1289 -1.77 -32.65 28.99
CA LYS A 1289 -1.78 -33.33 27.70
C LYS A 1289 -0.37 -33.40 27.12
N VAL A 1290 0.38 -32.30 27.21
CA VAL A 1290 1.74 -32.27 26.68
C VAL A 1290 2.61 -33.28 27.43
N LEU A 1291 2.51 -33.30 28.76
CA LEU A 1291 3.30 -34.24 29.54
C LEU A 1291 2.96 -35.68 29.18
N SER A 1292 1.68 -35.99 29.02
CA SER A 1292 1.29 -37.33 28.63
C SER A 1292 1.84 -37.67 27.26
N ALA A 1293 1.82 -36.72 26.33
CA ALA A 1293 2.36 -36.96 25.00
C ALA A 1293 3.86 -37.25 25.05
N TYR A 1294 4.60 -36.49 25.85
CA TYR A 1294 6.04 -36.69 25.94
C TYR A 1294 6.38 -38.06 26.49
N ASN A 1295 5.66 -38.50 27.53
CA ASN A 1295 5.91 -39.82 28.10
C ASN A 1295 5.61 -40.93 27.10
N LYS A 1296 4.53 -40.77 26.33
CA LYS A 1296 4.13 -41.82 25.40
C LYS A 1296 5.14 -41.99 24.27
N HIS A 1297 5.94 -40.97 24.00
CA HIS A 1297 6.93 -41.02 22.93
C HIS A 1297 8.34 -40.68 23.42
N ARG A 1298 8.75 -41.23 24.55
CA ARG A 1298 10.11 -41.00 25.04
C ARG A 1298 11.13 -41.76 24.21
N ASP A 1299 10.69 -42.74 23.43
CA ASP A 1299 11.57 -43.61 22.66
C ASP A 1299 11.71 -43.21 21.20
N LYS A 1300 11.19 -42.05 20.81
CA LYS A 1300 11.28 -41.62 19.42
C LYS A 1300 12.72 -41.25 19.06
N PRO A 1301 13.05 -41.27 17.76
CA PRO A 1301 14.40 -40.86 17.34
C PRO A 1301 14.69 -39.42 17.75
N ILE A 1302 15.97 -39.14 17.97
CA ILE A 1302 16.38 -37.87 18.56
C ILE A 1302 15.98 -36.70 17.66
N ARG A 1303 16.08 -36.88 16.34
CA ARG A 1303 15.75 -35.77 15.44
C ARG A 1303 14.27 -35.41 15.53
N GLU A 1304 13.40 -36.41 15.52
CA GLU A 1304 11.97 -36.15 15.66
C GLU A 1304 11.67 -35.55 17.03
N GLN A 1305 12.33 -36.04 18.07
CA GLN A 1305 12.17 -35.48 19.41
C GLN A 1305 12.49 -33.98 19.38
N ALA A 1306 13.63 -33.62 18.76
CA ALA A 1306 14.03 -32.22 18.71
C ALA A 1306 13.04 -31.39 17.91
N GLU A 1307 12.60 -31.90 16.76
CA GLU A 1307 11.67 -31.14 15.94
C GLU A 1307 10.37 -30.88 16.68
N ASN A 1308 9.85 -31.89 17.39
CA ASN A 1308 8.61 -31.70 18.14
C ASN A 1308 8.81 -30.80 19.35
N ILE A 1309 9.98 -30.85 19.99
CA ILE A 1309 10.23 -29.99 21.13
C ILE A 1309 10.35 -28.53 20.70
N ILE A 1310 10.98 -28.30 19.54
CA ILE A 1310 11.05 -26.93 19.03
C ILE A 1310 9.65 -26.37 18.81
N HIS A 1311 8.75 -27.19 18.26
CA HIS A 1311 7.38 -26.74 18.04
C HIS A 1311 6.66 -26.47 19.36
N LEU A 1312 7.14 -27.08 20.45
CA LEU A 1312 6.45 -26.97 21.73
C LEU A 1312 6.54 -25.55 22.30
N PHE A 1313 7.55 -24.78 21.89
CA PHE A 1313 7.70 -23.42 22.40
C PHE A 1313 6.55 -22.50 22.03
N THR A 1314 5.70 -22.90 21.07
CA THR A 1314 4.60 -22.06 20.65
C THR A 1314 3.70 -21.69 21.83
N LEU A 1315 3.57 -22.57 22.81
CA LEU A 1315 2.74 -22.27 23.98
C LEU A 1315 3.36 -21.17 24.83
N THR A 1316 4.68 -21.01 24.77
CA THR A 1316 5.38 -20.09 25.66
C THR A 1316 5.85 -18.82 24.96
N ASN A 1317 5.73 -18.74 23.64
CA ASN A 1317 6.20 -17.55 22.92
C ASN A 1317 5.37 -16.33 23.32
N LEU A 1318 6.01 -15.16 23.23
CA LEU A 1318 5.32 -13.92 23.56
C LEU A 1318 4.25 -13.62 22.52
N GLY A 1319 3.15 -13.03 22.97
CA GLY A 1319 2.07 -12.64 22.08
C GLY A 1319 0.80 -13.42 22.33
N ALA A 1320 -0.08 -13.45 21.33
CA ALA A 1320 -1.31 -14.19 21.45
C ALA A 1320 -1.02 -15.69 21.42
N PRO A 1321 -1.63 -16.49 22.29
CA PRO A 1321 -1.40 -17.94 22.24
C PRO A 1321 -1.85 -18.53 20.92
N ALA A 1322 -1.10 -19.52 20.44
CA ALA A 1322 -1.38 -20.15 19.16
C ALA A 1322 -1.38 -21.66 19.31
N ALA A 1323 -2.26 -22.32 18.57
CA ALA A 1323 -2.33 -23.76 18.55
C ALA A 1323 -1.15 -24.35 17.79
N PHE A 1324 -0.82 -25.59 18.11
CA PHE A 1324 0.30 -26.27 17.48
C PHE A 1324 0.14 -27.78 17.65
N LYS A 1325 0.82 -28.52 16.79
CA LYS A 1325 0.79 -29.97 16.82
C LYS A 1325 2.07 -30.51 17.44
N TYR A 1326 1.93 -31.51 18.30
CA TYR A 1326 3.05 -32.17 18.97
C TYR A 1326 2.94 -33.65 18.67
N PHE A 1327 3.83 -34.14 17.79
CA PHE A 1327 3.72 -35.49 17.21
C PHE A 1327 2.35 -35.56 16.53
N ASP A 1328 1.48 -36.50 16.91
CA ASP A 1328 0.22 -36.72 16.22
C ASP A 1328 -0.96 -36.01 16.88
N THR A 1329 -0.74 -35.26 17.95
CA THR A 1329 -1.85 -34.68 18.71
C THR A 1329 -1.94 -33.18 18.47
N THR A 1330 -3.16 -32.69 18.27
CA THR A 1330 -3.44 -31.27 18.14
C THR A 1330 -3.72 -30.69 19.51
N ILE A 1331 -3.15 -29.53 19.80
CA ILE A 1331 -3.32 -28.87 21.09
C ILE A 1331 -4.04 -27.55 20.85
N ASP A 1332 -5.19 -27.37 21.51
CA ASP A 1332 -5.94 -26.13 21.38
C ASP A 1332 -5.21 -24.99 22.09
N ARG A 1333 -5.57 -23.77 21.70
CA ARG A 1333 -4.92 -22.58 22.25
C ARG A 1333 -5.63 -22.11 23.52
N LYS A 1334 -4.86 -21.92 24.58
CA LYS A 1334 -5.39 -21.45 25.87
C LYS A 1334 -5.57 -19.94 25.79
N ARG A 1335 -6.83 -19.50 25.83
CA ARG A 1335 -7.14 -18.08 25.71
C ARG A 1335 -7.64 -17.52 27.04
N TYR A 1336 -7.10 -16.36 27.42
CA TYR A 1336 -7.43 -15.71 28.68
C TYR A 1336 -8.48 -14.64 28.43
N THR A 1337 -9.74 -14.99 28.67
CA THR A 1337 -10.85 -14.07 28.46
C THR A 1337 -11.30 -13.38 29.74
N SER A 1338 -10.41 -13.23 30.72
CA SER A 1338 -10.74 -12.57 31.97
C SER A 1338 -9.78 -11.42 32.20
N THR A 1339 -10.33 -10.22 32.39
CA THR A 1339 -9.53 -9.02 32.59
C THR A 1339 -9.79 -8.35 33.94
N LYS A 1340 -10.56 -9.01 34.81
CA LYS A 1340 -10.83 -8.41 36.12
C LYS A 1340 -9.58 -8.37 36.98
N GLU A 1341 -8.68 -9.35 36.80
CA GLU A 1341 -7.55 -9.48 37.71
C GLU A 1341 -6.58 -8.31 37.58
N VAL A 1342 -6.43 -7.73 36.39
CA VAL A 1342 -5.46 -6.66 36.19
C VAL A 1342 -5.86 -5.36 36.86
N LEU A 1343 -7.09 -5.26 37.38
CA LEU A 1343 -7.51 -4.06 38.08
C LEU A 1343 -6.71 -3.82 39.35
N ASP A 1344 -6.32 -4.89 40.05
CA ASP A 1344 -5.51 -4.78 41.26
C ASP A 1344 -4.05 -5.10 41.00
N ALA A 1345 -3.63 -5.12 39.73
CA ALA A 1345 -2.27 -5.45 39.36
C ALA A 1345 -1.35 -4.24 39.52
N THR A 1346 -0.17 -4.34 38.91
CA THR A 1346 0.78 -3.24 38.86
C THR A 1346 0.93 -2.78 37.42
N LEU A 1347 0.38 -1.61 37.11
CA LEU A 1347 0.49 -1.06 35.76
C LEU A 1347 1.88 -0.52 35.52
N ILE A 1348 2.47 -0.88 34.38
CA ILE A 1348 3.82 -0.47 34.02
C ILE A 1348 3.74 0.33 32.72
N HIS A 1349 4.40 1.49 32.72
CA HIS A 1349 4.62 2.23 31.49
C HIS A 1349 6.11 2.23 31.17
N GLN A 1350 6.46 1.80 29.96
CA GLN A 1350 7.86 1.68 29.56
C GLN A 1350 8.13 2.57 28.35
N SER A 1351 9.29 3.22 28.37
CA SER A 1351 9.73 4.02 27.24
C SER A 1351 9.95 3.11 26.02
N ILE A 1352 10.29 3.75 24.89
CA ILE A 1352 10.47 3.01 23.65
C ILE A 1352 11.57 1.97 23.80
N THR A 1353 12.51 2.18 24.71
CA THR A 1353 13.48 1.16 25.06
C THR A 1353 13.23 0.56 26.43
N GLY A 1354 12.36 1.17 27.23
CA GLY A 1354 11.99 0.61 28.52
C GLY A 1354 12.97 0.84 29.64
N LEU A 1355 14.07 1.55 29.38
CA LEU A 1355 15.03 1.81 30.45
C LEU A 1355 14.40 2.67 31.54
N TYR A 1356 13.64 3.68 31.15
CA TYR A 1356 12.83 4.45 32.09
C TYR A 1356 11.53 3.71 32.35
N GLU A 1357 11.15 3.60 33.62
CA GLU A 1357 9.90 2.94 34.00
C GLU A 1357 9.05 3.89 34.83
N THR A 1358 7.75 3.90 34.55
CA THR A 1358 6.77 4.59 35.37
C THR A 1358 5.72 3.58 35.79
N ARG A 1359 5.65 3.30 37.09
CA ARG A 1359 4.82 2.24 37.63
C ARG A 1359 3.69 2.87 38.44
N ILE A 1360 2.46 2.51 38.12
CA ILE A 1360 1.28 3.04 38.79
C ILE A 1360 0.50 1.85 39.37
N ASP A 1361 0.20 1.92 40.67
CA ASP A 1361 -0.58 0.87 41.32
C ASP A 1361 -2.05 1.24 41.28
N LEU A 1362 -2.81 0.56 40.43
CA LEU A 1362 -4.23 0.84 40.30
C LEU A 1362 -5.04 0.45 41.52
N SER A 1363 -4.52 -0.47 42.35
CA SER A 1363 -5.25 -0.89 43.53
C SER A 1363 -5.47 0.26 44.51
N GLN A 1364 -4.46 1.11 44.68
CA GLN A 1364 -4.55 2.23 45.62
C GLN A 1364 -5.59 3.27 45.21
N LEU A 1365 -5.97 3.32 43.95
CA LEU A 1365 -6.92 4.32 43.47
C LEU A 1365 -8.35 3.79 43.63
N GLY A 1366 -9.19 4.57 44.31
CA GLY A 1366 -10.59 4.24 44.42
C GLY A 1366 -10.89 2.92 45.09
N GLY A 1367 -10.24 2.65 46.23
CA GLY A 1367 -10.48 1.42 46.97
C GLY A 1367 -11.93 1.22 47.33
N ASP A 1368 -12.44 0.02 47.10
CA ASP A 1368 -13.86 -0.28 47.34
C ASP A 1368 -14.21 -0.16 48.81
#